data_1EBD
#
_entry.id   1EBD
#
_cell.length_a   106.600
_cell.length_b   106.600
_cell.length_c   204.300
_cell.angle_alpha   90.00
_cell.angle_beta   90.00
_cell.angle_gamma   120.00
#
_symmetry.space_group_name_H-M   'P 31 2 1'
#
loop_
_entity.id
_entity.type
_entity.pdbx_description
1 polymer 'DIHYDROLIPOAMIDE DEHYDROGENASE'
2 polymer 'DIHYDROLIPOAMIDE ACETYLTRANSFERASE'
3 non-polymer 'FLAVIN-ADENINE DINUCLEOTIDE'
4 water water
#
loop_
_entity_poly.entity_id
_entity_poly.type
_entity_poly.pdbx_seq_one_letter_code
_entity_poly.pdbx_strand_id
1 'polypeptide(L)'
;AIETETLVVGAGPGGYVAAIRAAQLGQKVTIVEKGNLGGVCLNVGCIPSKALISASHRYEQAKHSEEMGIKAENVTIDFA
KVQEWKASVVKKLTGGVEGLLKGNKVEIVKGEAYFVDANTVRVVNGDSAQTYTFKNAIIATGSRPIELPNFKFSNRILDS
TGALNLGEVPKSLVVIGGGYIGIELGTAYANFGTKVTILEGAGEILSGFEKQMAAIIKKRLKKKGVEVVTNALAKGAEER
EDGVTVTYEANGETKTIDADYVLVTVGRRPNTDELGLEQIGIKMTNRGLIEVDQQCRTSVPNIFAIGDIVPGPALAHKAS
YEGKVAAEAIAGHPSAVDYVAIPAVVFSDPECASVGYFEQQAKDEGIDVIAAKFPFAANGRALALNDTDGFLKLVVRKED
GVIIGAQIIGPNASDMIAELGLAIEAGMTAEDIALTIHAHPTLGEIAMEAAEVAL
;
A,B
2 'polypeptide(L)' IAMPSVRKYAREKGVDIRLVQGTGKNGRVLKEDIDAFLAGG C
#
loop_
_chem_comp.id
_chem_comp.type
_chem_comp.name
_chem_comp.formula
FAD non-polymer 'FLAVIN-ADENINE DINUCLEOTIDE' 'C27 H33 N9 O15 P2'
#
# COMPACT_ATOMS: atom_id res chain seq x y z
N ALA A 1 25.85 -19.20 -42.53
CA ALA A 1 24.81 -18.39 -41.82
C ALA A 1 24.10 -19.34 -40.86
N ILE A 2 23.24 -18.78 -40.03
CA ILE A 2 22.48 -19.58 -39.08
C ILE A 2 21.02 -19.14 -39.17
N GLU A 3 20.14 -20.11 -39.40
CA GLU A 3 18.71 -19.82 -39.51
C GLU A 3 18.01 -19.94 -38.16
N THR A 4 17.03 -19.08 -37.92
CA THR A 4 16.26 -19.08 -36.68
C THR A 4 14.83 -18.66 -36.98
N GLU A 5 13.91 -19.00 -36.07
CA GLU A 5 12.51 -18.64 -36.25
C GLU A 5 12.28 -17.19 -35.84
N THR A 6 12.29 -16.93 -34.53
CA THR A 6 12.08 -15.58 -34.04
C THR A 6 13.31 -15.03 -33.34
N LEU A 7 13.95 -14.04 -33.98
CA LEU A 7 15.14 -13.40 -33.43
C LEU A 7 14.72 -12.23 -32.55
N VAL A 8 15.26 -12.19 -31.34
CA VAL A 8 14.97 -11.12 -30.41
C VAL A 8 16.28 -10.40 -30.10
N VAL A 9 16.31 -9.08 -30.31
CA VAL A 9 17.50 -8.27 -30.07
C VAL A 9 17.33 -7.44 -28.80
N GLY A 10 17.99 -7.87 -27.72
CA GLY A 10 17.89 -7.16 -26.46
C GLY A 10 17.26 -8.03 -25.39
N ALA A 11 17.91 -8.12 -24.23
CA ALA A 11 17.40 -8.95 -23.13
C ALA A 11 16.97 -8.12 -21.91
N GLY A 12 16.36 -6.97 -22.17
CA GLY A 12 15.86 -6.14 -21.09
C GLY A 12 14.46 -6.65 -20.79
N PRO A 13 13.67 -5.93 -19.98
CA PRO A 13 12.31 -6.33 -19.64
C PRO A 13 11.42 -6.69 -20.84
N GLY A 14 11.63 -6.04 -21.97
CA GLY A 14 10.83 -6.32 -23.14
C GLY A 14 11.35 -7.48 -23.95
N GLY A 15 12.65 -7.48 -24.21
CA GLY A 15 13.25 -8.53 -24.99
C GLY A 15 13.16 -9.92 -24.38
N TYR A 16 13.48 -10.06 -23.09
CA TYR A 16 13.41 -11.38 -22.48
C TYR A 16 12.02 -11.99 -22.26
N VAL A 17 11.01 -11.19 -21.87
CA VAL A 17 9.67 -11.77 -21.70
C VAL A 17 9.08 -12.08 -23.07
N ALA A 18 9.49 -11.32 -24.07
CA ALA A 18 9.04 -11.54 -25.44
C ALA A 18 9.68 -12.82 -25.94
N ALA A 19 10.93 -13.06 -25.54
CA ALA A 19 11.62 -14.28 -25.95
C ALA A 19 10.99 -15.47 -25.22
N ILE A 20 10.69 -15.28 -23.94
CA ILE A 20 10.06 -16.33 -23.12
C ILE A 20 8.72 -16.70 -23.74
N ARG A 21 7.83 -15.72 -23.80
CA ARG A 21 6.50 -15.90 -24.37
C ARG A 21 6.56 -16.63 -25.72
N ALA A 22 7.35 -16.09 -26.64
CA ALA A 22 7.49 -16.70 -27.98
C ALA A 22 7.91 -18.16 -27.94
N ALA A 23 8.78 -18.52 -27.01
CA ALA A 23 9.23 -19.90 -26.89
C ALA A 23 8.07 -20.75 -26.40
N GLN A 24 7.36 -20.24 -25.39
CA GLN A 24 6.21 -20.92 -24.82
C GLN A 24 5.12 -21.07 -25.86
N LEU A 25 5.13 -20.19 -26.86
CA LEU A 25 4.17 -20.25 -27.95
C LEU A 25 4.67 -21.19 -29.03
N GLY A 26 5.58 -22.08 -28.65
CA GLY A 26 6.13 -23.05 -29.57
C GLY A 26 7.14 -22.59 -30.60
N GLN A 27 7.45 -21.29 -30.62
CA GLN A 27 8.42 -20.78 -31.58
C GLN A 27 9.81 -21.13 -31.09
N LYS A 28 10.76 -21.13 -32.01
CA LYS A 28 12.16 -21.40 -31.68
C LYS A 28 12.85 -20.03 -31.69
N VAL A 29 13.06 -19.46 -30.50
CA VAL A 29 13.68 -18.14 -30.39
C VAL A 29 15.16 -18.07 -30.00
N THR A 30 15.86 -17.13 -30.64
CA THR A 30 17.27 -16.87 -30.40
C THR A 30 17.31 -15.42 -29.94
N ILE A 31 17.83 -15.21 -28.73
CA ILE A 31 17.91 -13.87 -28.17
C ILE A 31 19.36 -13.37 -28.22
N VAL A 32 19.55 -12.19 -28.78
CA VAL A 32 20.87 -11.57 -28.93
C VAL A 32 21.05 -10.40 -27.94
N GLU A 33 22.08 -10.50 -27.12
CA GLU A 33 22.38 -9.48 -26.11
C GLU A 33 23.86 -9.20 -26.15
N LYS A 34 24.24 -7.93 -26.07
CA LYS A 34 25.64 -7.57 -26.09
C LYS A 34 26.26 -7.44 -24.71
N GLY A 35 25.43 -7.11 -23.72
CA GLY A 35 25.92 -6.94 -22.37
C GLY A 35 25.33 -7.93 -21.39
N ASN A 36 24.87 -7.43 -20.24
CA ASN A 36 24.28 -8.27 -19.21
C ASN A 36 22.81 -8.54 -19.47
N LEU A 37 22.37 -9.75 -19.16
CA LEU A 37 20.97 -10.08 -19.35
C LEU A 37 20.27 -9.26 -18.29
N GLY A 38 19.03 -8.85 -18.56
CA GLY A 38 18.29 -8.06 -17.61
C GLY A 38 18.12 -6.65 -18.12
N GLY A 39 19.09 -6.22 -18.93
CA GLY A 39 19.03 -4.88 -19.51
C GLY A 39 19.21 -3.78 -18.48
N VAL A 40 18.75 -2.59 -18.83
CA VAL A 40 18.84 -1.42 -17.96
C VAL A 40 18.13 -1.60 -16.62
N CYS A 41 16.88 -2.05 -16.64
CA CYS A 41 16.12 -2.22 -15.41
C CYS A 41 16.86 -2.92 -14.28
N LEU A 42 17.41 -4.09 -14.56
CA LEU A 42 18.11 -4.86 -13.53
C LEU A 42 19.51 -4.41 -13.23
N ASN A 43 20.27 -4.11 -14.27
CA ASN A 43 21.66 -3.71 -14.09
C ASN A 43 21.95 -2.27 -13.71
N VAL A 44 21.31 -1.30 -14.36
CA VAL A 44 21.58 0.10 -14.07
C VAL A 44 20.34 1.00 -13.99
N GLY A 45 19.18 0.38 -13.79
CA GLY A 45 17.95 1.13 -13.73
C GLY A 45 17.15 0.92 -12.46
N CYS A 46 15.91 0.47 -12.63
CA CYS A 46 14.97 0.23 -11.55
C CYS A 46 15.59 -0.27 -10.25
N ILE A 47 16.14 -1.47 -10.30
CA ILE A 47 16.71 -2.10 -9.11
C ILE A 47 17.78 -1.33 -8.37
N PRO A 48 18.94 -1.07 -9.00
CA PRO A 48 20.01 -0.34 -8.31
C PRO A 48 19.52 0.96 -7.66
N SER A 49 18.72 1.75 -8.39
CA SER A 49 18.22 3.01 -7.84
C SER A 49 17.32 2.82 -6.62
N LYS A 50 16.34 1.92 -6.72
CA LYS A 50 15.42 1.72 -5.60
C LYS A 50 16.19 1.18 -4.40
N ALA A 51 17.20 0.36 -4.68
CA ALA A 51 18.03 -0.23 -3.64
C ALA A 51 18.73 0.90 -2.91
N LEU A 52 19.38 1.76 -3.67
CA LEU A 52 20.10 2.90 -3.13
C LEU A 52 19.17 3.85 -2.39
N ILE A 53 18.05 4.19 -3.01
CA ILE A 53 17.05 5.07 -2.39
C ILE A 53 16.56 4.48 -1.08
N SER A 54 16.35 3.17 -1.07
CA SER A 54 15.87 2.47 0.12
C SER A 54 16.87 2.58 1.27
N ALA A 55 18.15 2.43 0.96
CA ALA A 55 19.18 2.53 1.98
C ALA A 55 19.23 3.97 2.51
N SER A 56 19.12 4.94 1.61
CA SER A 56 19.18 6.34 2.01
C SER A 56 18.06 6.70 2.95
N HIS A 57 16.89 6.05 2.81
CA HIS A 57 15.79 6.36 3.71
C HIS A 57 15.98 5.71 5.07
N ARG A 58 16.66 4.57 5.10
CA ARG A 58 16.94 3.91 6.38
C ARG A 58 17.85 4.88 7.13
N TYR A 59 18.64 5.64 6.38
CA TYR A 59 19.57 6.62 6.93
C TYR A 59 18.82 7.91 7.35
N GLU A 60 17.93 8.41 6.49
CA GLU A 60 17.12 9.61 6.78
C GLU A 60 16.42 9.36 8.13
N GLN A 61 15.79 8.20 8.26
CA GLN A 61 15.05 7.83 9.45
C GLN A 61 15.83 7.61 10.72
N ALA A 62 16.91 6.85 10.65
CA ALA A 62 17.72 6.60 11.84
C ALA A 62 18.14 7.94 12.45
N LYS A 63 18.58 8.81 11.56
CA LYS A 63 19.08 10.13 11.87
C LYS A 63 18.03 11.20 12.21
N HIS A 64 16.76 10.99 11.86
CA HIS A 64 15.75 12.01 12.14
C HIS A 64 14.41 11.59 12.73
N SER A 65 14.42 10.67 13.70
CA SER A 65 13.20 10.21 14.36
C SER A 65 13.06 10.92 15.71
N GLU A 66 13.71 12.08 15.77
CA GLU A 66 13.78 12.96 16.94
C GLU A 66 12.43 13.17 17.63
N GLU A 67 11.44 13.63 16.86
CA GLU A 67 10.10 13.90 17.37
C GLU A 67 9.48 12.72 18.09
N MET A 68 9.77 11.51 17.61
CA MET A 68 9.21 10.31 18.22
C MET A 68 9.97 9.92 19.48
N GLY A 69 10.93 10.74 19.87
CA GLY A 69 11.68 10.43 21.07
C GLY A 69 12.79 9.42 20.91
N ILE A 70 13.22 9.17 19.68
CA ILE A 70 14.33 8.25 19.46
C ILE A 70 15.49 9.13 19.03
N LYS A 71 16.54 9.19 19.84
CA LYS A 71 17.69 10.01 19.51
C LYS A 71 18.91 9.17 19.20
N ALA A 72 19.26 9.07 17.93
CA ALA A 72 20.41 8.30 17.51
C ALA A 72 21.58 9.28 17.49
N GLU A 73 22.70 8.88 18.07
CA GLU A 73 23.86 9.75 18.11
C GLU A 73 24.95 9.19 17.23
N ASN A 74 25.38 9.99 16.26
CA ASN A 74 26.44 9.57 15.35
C ASN A 74 25.99 8.38 14.49
N VAL A 75 25.23 8.66 13.43
CA VAL A 75 24.76 7.62 12.51
C VAL A 75 25.75 7.55 11.34
N THR A 76 26.40 6.40 11.21
CA THR A 76 27.39 6.18 10.17
C THR A 76 26.84 5.37 9.00
N ILE A 77 27.49 5.49 7.85
CA ILE A 77 27.07 4.77 6.66
C ILE A 77 28.30 4.26 5.89
N ASP A 78 28.47 2.93 5.88
CA ASP A 78 29.57 2.29 5.18
C ASP A 78 29.10 2.07 3.74
N PHE A 79 29.31 3.08 2.91
CA PHE A 79 28.88 3.01 1.52
C PHE A 79 29.40 1.78 0.80
N ALA A 80 30.54 1.25 1.23
CA ALA A 80 31.11 0.06 0.60
C ALA A 80 30.12 -1.07 0.78
N LYS A 81 29.60 -1.21 2.00
CA LYS A 81 28.62 -2.25 2.29
C LYS A 81 27.36 -1.95 1.50
N VAL A 82 26.96 -0.68 1.48
CA VAL A 82 25.78 -0.28 0.73
C VAL A 82 25.89 -0.78 -0.70
N GLN A 83 27.04 -0.57 -1.33
CA GLN A 83 27.24 -1.01 -2.70
C GLN A 83 27.32 -2.54 -2.82
N GLU A 84 27.98 -3.20 -1.88
CA GLU A 84 28.07 -4.67 -1.92
C GLU A 84 26.64 -5.24 -1.92
N TRP A 85 25.85 -4.77 -0.96
CA TRP A 85 24.47 -5.21 -0.84
C TRP A 85 23.71 -4.96 -2.14
N LYS A 86 23.84 -3.75 -2.68
CA LYS A 86 23.17 -3.42 -3.92
C LYS A 86 23.61 -4.42 -4.99
N ALA A 87 24.88 -4.77 -4.97
CA ALA A 87 25.46 -5.70 -5.94
C ALA A 87 24.82 -7.08 -5.91
N SER A 88 24.69 -7.62 -4.71
CA SER A 88 24.11 -8.93 -4.54
C SER A 88 22.66 -8.96 -5.01
N VAL A 89 21.91 -7.89 -4.74
CA VAL A 89 20.52 -7.82 -5.16
C VAL A 89 20.46 -7.97 -6.67
N VAL A 90 21.17 -7.11 -7.37
CA VAL A 90 21.18 -7.15 -8.84
C VAL A 90 21.56 -8.51 -9.37
N LYS A 91 22.55 -9.15 -8.74
CA LYS A 91 23.00 -10.48 -9.13
C LYS A 91 21.93 -11.58 -9.03
N LYS A 92 21.08 -11.48 -8.00
CA LYS A 92 20.01 -12.44 -7.78
C LYS A 92 19.01 -12.34 -8.92
N LEU A 93 18.55 -11.13 -9.21
CA LEU A 93 17.59 -10.91 -10.29
C LEU A 93 18.11 -11.26 -11.68
N THR A 94 19.34 -10.89 -12.00
CA THR A 94 19.89 -11.19 -13.32
C THR A 94 20.11 -12.68 -13.44
N GLY A 95 20.46 -13.30 -12.31
CA GLY A 95 20.66 -14.74 -12.30
C GLY A 95 19.34 -15.36 -12.71
N GLY A 96 18.26 -14.83 -12.14
CA GLY A 96 16.93 -15.31 -12.44
C GLY A 96 16.60 -15.25 -13.93
N VAL A 97 16.65 -14.06 -14.51
CA VAL A 97 16.36 -13.89 -15.94
C VAL A 97 17.14 -14.90 -16.75
N GLU A 98 18.41 -15.05 -16.40
CA GLU A 98 19.31 -15.98 -17.05
C GLU A 98 18.67 -17.38 -17.01
N GLY A 99 18.12 -17.71 -15.85
CA GLY A 99 17.47 -19.00 -15.66
C GLY A 99 16.23 -19.11 -16.52
N LEU A 100 15.30 -18.16 -16.38
CA LEU A 100 14.06 -18.16 -17.16
C LEU A 100 14.27 -18.42 -18.65
N LEU A 101 15.32 -17.83 -19.21
CA LEU A 101 15.63 -17.98 -20.63
C LEU A 101 16.01 -19.41 -21.00
N LYS A 102 16.90 -20.00 -20.23
CA LYS A 102 17.33 -21.37 -20.48
C LYS A 102 16.16 -22.33 -20.26
N GLY A 103 15.41 -22.08 -19.18
CA GLY A 103 14.27 -22.91 -18.83
C GLY A 103 13.12 -22.89 -19.82
N ASN A 104 13.34 -22.23 -20.97
CA ASN A 104 12.36 -22.15 -22.03
C ASN A 104 13.12 -22.31 -23.35
N LYS A 105 14.32 -22.86 -23.22
CA LYS A 105 15.25 -23.14 -24.32
C LYS A 105 15.37 -22.06 -25.39
N VAL A 106 15.75 -20.86 -24.94
CA VAL A 106 15.95 -19.74 -25.86
C VAL A 106 17.45 -19.68 -25.99
N GLU A 107 17.96 -19.69 -27.22
CA GLU A 107 19.39 -19.63 -27.42
C GLU A 107 19.86 -18.20 -27.24
N ILE A 108 20.55 -17.95 -26.14
CA ILE A 108 21.07 -16.61 -25.86
C ILE A 108 22.35 -16.51 -26.67
N VAL A 109 22.55 -15.37 -27.30
CA VAL A 109 23.74 -15.17 -28.12
C VAL A 109 24.41 -13.85 -27.74
N LYS A 110 25.64 -13.94 -27.24
CA LYS A 110 26.37 -12.75 -26.85
C LYS A 110 27.00 -12.13 -28.09
N GLY A 111 26.59 -10.91 -28.40
CA GLY A 111 27.11 -10.22 -29.56
C GLY A 111 26.26 -9.02 -29.86
N GLU A 112 26.75 -8.15 -30.74
CA GLU A 112 26.01 -6.96 -31.13
C GLU A 112 25.37 -7.19 -32.48
N ALA A 113 24.05 -7.03 -32.54
CA ALA A 113 23.31 -7.25 -33.78
C ALA A 113 23.33 -6.07 -34.69
N TYR A 114 23.07 -6.34 -35.96
CA TYR A 114 23.00 -5.31 -36.99
C TYR A 114 22.21 -5.89 -38.16
N PHE A 115 21.23 -5.15 -38.65
CA PHE A 115 20.40 -5.62 -39.74
C PHE A 115 21.08 -5.41 -41.09
N VAL A 116 21.41 -6.51 -41.75
CA VAL A 116 22.05 -6.46 -43.06
C VAL A 116 20.98 -6.32 -44.14
N ASP A 117 19.78 -6.83 -43.86
CA ASP A 117 18.64 -6.75 -44.77
C ASP A 117 17.41 -7.00 -43.90
N ALA A 118 16.24 -6.91 -44.49
CA ALA A 118 14.99 -7.12 -43.75
C ALA A 118 14.75 -8.55 -43.25
N ASN A 119 15.75 -9.41 -43.36
CA ASN A 119 15.56 -10.79 -42.95
C ASN A 119 16.81 -11.43 -42.34
N THR A 120 17.88 -10.66 -42.22
CA THR A 120 19.11 -11.20 -41.68
C THR A 120 19.90 -10.18 -40.84
N VAL A 121 20.49 -10.68 -39.77
CA VAL A 121 21.27 -9.88 -38.82
C VAL A 121 22.71 -10.38 -38.68
N ARG A 122 23.66 -9.46 -38.66
CA ARG A 122 25.05 -9.80 -38.44
C ARG A 122 25.27 -9.56 -36.96
N VAL A 123 25.85 -10.53 -36.28
CA VAL A 123 26.12 -10.40 -34.86
C VAL A 123 27.62 -10.42 -34.71
N VAL A 124 28.18 -9.39 -34.09
CA VAL A 124 29.63 -9.33 -33.90
C VAL A 124 30.00 -9.49 -32.43
N ASN A 125 31.08 -10.22 -32.20
CA ASN A 125 31.58 -10.47 -30.85
C ASN A 125 33.05 -10.83 -31.00
N GLY A 126 33.92 -10.03 -30.39
CA GLY A 126 35.36 -10.29 -30.50
C GLY A 126 35.73 -10.03 -31.94
N ASP A 127 36.60 -10.85 -32.52
CA ASP A 127 36.96 -10.65 -33.92
C ASP A 127 36.14 -11.60 -34.82
N SER A 128 35.07 -12.14 -34.24
CA SER A 128 34.18 -13.05 -34.96
C SER A 128 32.78 -12.48 -35.15
N ALA A 129 32.24 -12.66 -36.34
CA ALA A 129 30.91 -12.18 -36.68
C ALA A 129 30.15 -13.38 -37.24
N GLN A 130 28.88 -13.52 -36.87
CA GLN A 130 28.06 -14.62 -37.33
C GLN A 130 26.76 -14.08 -37.88
N THR A 131 26.35 -14.61 -39.03
CA THR A 131 25.13 -14.17 -39.69
C THR A 131 23.96 -15.08 -39.30
N TYR A 132 22.86 -14.45 -38.94
CA TYR A 132 21.65 -15.16 -38.56
C TYR A 132 20.51 -14.68 -39.44
N THR A 133 19.82 -15.61 -40.08
CA THR A 133 18.67 -15.26 -40.93
C THR A 133 17.47 -15.75 -40.11
N PHE A 134 16.55 -14.83 -39.83
CA PHE A 134 15.37 -15.13 -39.02
C PHE A 134 14.07 -15.20 -39.80
N LYS A 135 13.03 -15.71 -39.15
CA LYS A 135 11.71 -15.80 -39.75
C LYS A 135 10.99 -14.53 -39.28
N ASN A 136 11.18 -14.20 -38.00
CA ASN A 136 10.59 -13.03 -37.36
C ASN A 136 11.64 -12.31 -36.52
N ALA A 137 11.41 -11.03 -36.24
CA ALA A 137 12.36 -10.25 -35.44
C ALA A 137 11.67 -9.23 -34.55
N ILE A 138 12.14 -9.13 -33.32
CA ILE A 138 11.59 -8.17 -32.35
C ILE A 138 12.75 -7.30 -31.85
N ILE A 139 12.75 -6.02 -32.22
CA ILE A 139 13.81 -5.10 -31.78
C ILE A 139 13.46 -4.56 -30.40
N ALA A 140 14.27 -4.90 -29.40
CA ALA A 140 14.06 -4.44 -28.03
C ALA A 140 15.39 -3.93 -27.48
N THR A 141 15.98 -2.96 -28.17
CA THR A 141 17.27 -2.39 -27.81
C THR A 141 17.33 -1.31 -26.72
N GLY A 142 16.17 -0.83 -26.29
CA GLY A 142 16.14 0.18 -25.24
C GLY A 142 16.63 1.57 -25.60
N SER A 143 17.04 2.32 -24.59
CA SER A 143 17.52 3.68 -24.79
C SER A 143 18.79 3.90 -23.96
N ARG A 144 19.35 5.11 -24.05
CA ARG A 144 20.56 5.45 -23.31
C ARG A 144 20.49 6.93 -23.01
N PRO A 145 21.25 7.39 -22.02
CA PRO A 145 21.28 8.80 -21.64
C PRO A 145 21.90 9.68 -22.71
N ILE A 146 21.51 10.95 -22.68
CA ILE A 146 21.96 11.96 -23.61
C ILE A 146 23.27 12.64 -23.14
N GLU A 147 24.36 12.47 -23.90
CA GLU A 147 25.65 13.12 -23.57
C GLU A 147 25.40 14.53 -24.16
N LEU A 148 25.40 15.55 -23.30
CA LEU A 148 25.24 16.92 -23.77
C LEU A 148 26.65 17.40 -24.12
N PRO A 149 26.83 18.07 -25.26
CA PRO A 149 28.17 18.55 -25.61
C PRO A 149 28.53 19.56 -24.54
N ASN A 150 29.80 19.71 -24.23
CA ASN A 150 30.21 20.64 -23.18
C ASN A 150 29.76 20.12 -21.81
N PHE A 151 29.44 18.83 -21.78
CA PHE A 151 29.04 18.08 -20.60
C PHE A 151 29.32 16.62 -20.92
N LYS A 152 30.31 16.41 -21.79
CA LYS A 152 30.73 15.10 -22.22
C LYS A 152 31.09 14.32 -20.97
N PHE A 153 30.45 13.16 -20.81
CA PHE A 153 30.63 12.28 -19.65
C PHE A 153 32.09 11.95 -19.39
N SER A 154 32.48 12.11 -18.13
CA SER A 154 33.85 11.92 -17.71
C SER A 154 33.89 11.33 -16.30
N ASN A 155 35.07 11.31 -15.70
CA ASN A 155 35.27 10.80 -14.34
C ASN A 155 34.50 11.61 -13.30
N ARG A 156 34.04 12.79 -13.68
CA ARG A 156 33.30 13.62 -12.74
C ARG A 156 32.00 14.19 -13.28
N ILE A 157 31.76 13.99 -14.58
CA ILE A 157 30.52 14.43 -15.19
C ILE A 157 29.82 13.10 -15.49
N LEU A 158 28.93 12.73 -14.58
CA LEU A 158 28.23 11.45 -14.62
C LEU A 158 26.88 11.37 -15.31
N ASP A 159 26.46 10.13 -15.51
CA ASP A 159 25.17 9.78 -16.07
C ASP A 159 24.54 8.96 -14.93
N SER A 160 23.28 8.55 -15.08
CA SER A 160 22.61 7.77 -14.01
C SER A 160 23.39 6.55 -13.53
N THR A 161 24.03 5.84 -14.46
CA THR A 161 24.83 4.67 -14.14
C THR A 161 26.05 5.04 -13.29
N GLY A 162 26.66 6.19 -13.57
CA GLY A 162 27.83 6.61 -12.83
C GLY A 162 27.52 7.03 -11.40
N ALA A 163 26.41 7.72 -11.22
CA ALA A 163 26.01 8.14 -9.88
C ALA A 163 25.66 6.89 -9.07
N LEU A 164 25.09 5.89 -9.71
CA LEU A 164 24.72 4.66 -9.03
C LEU A 164 25.93 3.86 -8.55
N ASN A 165 27.05 4.01 -9.25
CA ASN A 165 28.25 3.26 -8.90
C ASN A 165 29.35 4.04 -8.16
N LEU A 166 28.99 5.12 -7.49
CA LEU A 166 29.98 5.90 -6.74
C LEU A 166 30.51 5.15 -5.53
N GLY A 167 31.84 5.13 -5.40
CA GLY A 167 32.49 4.45 -4.31
C GLY A 167 32.26 5.03 -2.93
N GLU A 168 32.01 6.33 -2.84
CA GLU A 168 31.76 6.97 -1.56
C GLU A 168 30.87 8.18 -1.73
N VAL A 169 30.14 8.51 -0.67
CA VAL A 169 29.21 9.62 -0.67
C VAL A 169 29.88 10.96 -0.96
N PRO A 170 29.55 11.59 -2.09
CA PRO A 170 30.15 12.88 -2.41
C PRO A 170 29.67 13.96 -1.45
N LYS A 171 30.52 14.95 -1.17
CA LYS A 171 30.16 16.05 -0.28
C LYS A 171 29.17 16.94 -1.01
N SER A 172 29.37 17.07 -2.31
CA SER A 172 28.53 17.92 -3.13
C SER A 172 28.24 17.25 -4.44
N LEU A 173 27.12 17.61 -5.04
CA LEU A 173 26.70 17.04 -6.31
C LEU A 173 25.71 17.98 -6.97
N VAL A 174 25.96 18.28 -8.24
CA VAL A 174 25.08 19.15 -9.00
C VAL A 174 24.31 18.22 -9.96
N VAL A 175 23.00 18.40 -10.03
CA VAL A 175 22.15 17.58 -10.89
C VAL A 175 21.51 18.43 -11.97
N ILE A 176 21.80 18.10 -13.22
CA ILE A 176 21.24 18.80 -14.37
C ILE A 176 20.04 17.97 -14.85
N GLY A 177 18.84 18.50 -14.66
CA GLY A 177 17.65 17.79 -15.09
C GLY A 177 16.83 17.29 -13.91
N GLY A 178 15.64 17.84 -13.75
CA GLY A 178 14.77 17.48 -12.65
C GLY A 178 13.64 16.51 -12.95
N GLY A 179 13.94 15.42 -13.64
CA GLY A 179 12.93 14.41 -13.95
C GLY A 179 12.92 13.40 -12.83
N TYR A 180 12.29 12.25 -13.03
CA TYR A 180 12.27 11.26 -11.95
C TYR A 180 13.66 10.72 -11.62
N ILE A 181 14.42 10.34 -12.63
CA ILE A 181 15.77 9.83 -12.43
C ILE A 181 16.64 10.88 -11.73
N GLY A 182 16.45 12.14 -12.10
CA GLY A 182 17.20 13.21 -11.48
C GLY A 182 16.78 13.43 -10.04
N ILE A 183 15.48 13.61 -9.82
CA ILE A 183 14.95 13.84 -8.48
C ILE A 183 15.24 12.66 -7.54
N GLU A 184 15.12 11.46 -8.07
CA GLU A 184 15.39 10.25 -7.30
C GLU A 184 16.83 10.18 -6.85
N LEU A 185 17.76 10.16 -7.81
CA LEU A 185 19.18 10.09 -7.49
C LEU A 185 19.61 11.29 -6.66
N GLY A 186 18.95 12.42 -6.88
CA GLY A 186 19.26 13.63 -6.11
C GLY A 186 18.84 13.49 -4.66
N THR A 187 17.61 13.05 -4.42
CA THR A 187 17.10 12.88 -3.07
C THR A 187 17.89 11.83 -2.28
N ALA A 188 18.27 10.75 -2.96
CA ALA A 188 19.01 9.67 -2.36
C ALA A 188 20.30 10.17 -1.75
N TYR A 189 21.12 10.84 -2.56
CA TYR A 189 22.39 11.38 -2.08
C TYR A 189 22.16 12.49 -1.07
N ALA A 190 21.02 13.16 -1.16
CA ALA A 190 20.70 14.20 -0.21
C ALA A 190 20.51 13.56 1.17
N ASN A 191 19.86 12.39 1.19
CA ASN A 191 19.62 11.67 2.45
C ASN A 191 20.91 11.25 3.15
N PHE A 192 21.89 10.85 2.33
CA PHE A 192 23.19 10.44 2.84
C PHE A 192 24.05 11.61 3.34
N GLY A 193 23.60 12.84 3.10
CA GLY A 193 24.34 14.00 3.55
C GLY A 193 24.97 14.91 2.50
N THR A 194 24.84 14.54 1.23
CA THR A 194 25.39 15.30 0.13
C THR A 194 24.62 16.61 -0.17
N LYS A 195 25.34 17.71 -0.34
CA LYS A 195 24.71 18.98 -0.65
C LYS A 195 24.36 18.92 -2.12
N VAL A 196 23.07 18.85 -2.42
CA VAL A 196 22.61 18.74 -3.79
C VAL A 196 22.05 20.05 -4.35
N THR A 197 22.28 20.26 -5.64
CA THR A 197 21.77 21.43 -6.35
C THR A 197 21.24 20.94 -7.70
N ILE A 198 19.92 20.95 -7.87
CA ILE A 198 19.30 20.48 -9.10
C ILE A 198 18.92 21.67 -9.96
N LEU A 199 19.36 21.69 -11.21
CA LEU A 199 19.05 22.79 -12.11
C LEU A 199 18.16 22.27 -13.23
N GLU A 200 16.91 22.73 -13.30
CA GLU A 200 16.00 22.33 -14.38
C GLU A 200 15.77 23.59 -15.19
N GLY A 201 15.77 23.44 -16.52
CA GLY A 201 15.58 24.57 -17.40
C GLY A 201 14.15 25.06 -17.48
N ALA A 202 13.20 24.16 -17.29
CA ALA A 202 11.79 24.54 -17.34
C ALA A 202 11.42 25.21 -16.04
N GLY A 203 10.19 25.73 -15.99
CA GLY A 203 9.73 26.42 -14.80
C GLY A 203 9.58 25.57 -13.57
N GLU A 204 9.40 24.27 -13.74
CA GLU A 204 9.21 23.40 -12.58
C GLU A 204 9.77 22.00 -12.79
N ILE A 205 10.12 21.36 -11.68
CA ILE A 205 10.65 20.01 -11.68
C ILE A 205 9.54 19.00 -11.91
N LEU A 206 9.93 17.75 -12.11
CA LEU A 206 8.99 16.67 -12.35
C LEU A 206 7.91 16.99 -13.37
N SER A 207 8.33 17.35 -14.58
CA SER A 207 7.37 17.65 -15.62
C SER A 207 6.63 16.34 -15.93
N GLY A 208 5.31 16.41 -15.92
CA GLY A 208 4.49 15.24 -16.15
C GLY A 208 3.46 15.21 -15.03
N PHE A 209 3.93 15.46 -13.81
CA PHE A 209 3.06 15.49 -12.63
C PHE A 209 2.47 16.87 -12.35
N GLU A 210 1.32 16.91 -11.69
CA GLU A 210 0.69 18.19 -11.37
C GLU A 210 1.65 18.99 -10.51
N LYS A 211 1.64 20.30 -10.73
CA LYS A 211 2.49 21.23 -10.01
C LYS A 211 2.37 21.11 -8.48
N GLN A 212 1.18 20.77 -8.00
CA GLN A 212 0.95 20.61 -6.56
C GLN A 212 1.84 19.52 -5.99
N MET A 213 1.95 18.42 -6.74
CA MET A 213 2.78 17.29 -6.32
C MET A 213 4.24 17.76 -6.28
N ALA A 214 4.66 18.48 -7.31
CA ALA A 214 6.03 19.00 -7.39
C ALA A 214 6.30 19.94 -6.22
N ALA A 215 5.26 20.67 -5.81
CA ALA A 215 5.39 21.61 -4.72
C ALA A 215 5.80 20.95 -3.42
N ILE A 216 5.07 19.92 -3.02
CA ILE A 216 5.37 19.21 -1.78
C ILE A 216 6.80 18.66 -1.78
N ILE A 217 7.18 18.09 -2.93
CA ILE A 217 8.50 17.52 -3.09
C ILE A 217 9.60 18.58 -2.92
N LYS A 218 9.38 19.77 -3.47
CA LYS A 218 10.36 20.84 -3.33
C LYS A 218 10.44 21.35 -1.90
N LYS A 219 9.28 21.52 -1.27
CA LYS A 219 9.23 21.99 0.09
C LYS A 219 10.07 21.11 1.01
N ARG A 220 9.85 19.81 0.94
CA ARG A 220 10.59 18.88 1.80
C ARG A 220 12.05 18.77 1.37
N LEU A 221 12.30 18.83 0.08
CA LEU A 221 13.66 18.72 -0.44
C LEU A 221 14.51 19.90 0.06
N LYS A 222 13.88 21.05 0.23
CA LYS A 222 14.59 22.22 0.71
C LYS A 222 14.93 22.04 2.19
N LYS A 223 14.08 21.34 2.92
CA LYS A 223 14.33 21.08 4.33
C LYS A 223 15.55 20.16 4.44
N LYS A 224 15.73 19.31 3.44
CA LYS A 224 16.85 18.37 3.41
C LYS A 224 18.14 19.08 3.04
N GLY A 225 18.01 20.36 2.68
CA GLY A 225 19.17 21.15 2.28
C GLY A 225 19.38 21.25 0.78
N VAL A 226 18.50 20.60 0.01
CA VAL A 226 18.62 20.63 -1.45
C VAL A 226 18.17 21.98 -1.99
N GLU A 227 18.85 22.45 -3.02
CA GLU A 227 18.50 23.71 -3.64
C GLU A 227 18.00 23.40 -5.04
N VAL A 228 16.86 23.99 -5.40
CA VAL A 228 16.27 23.75 -6.71
C VAL A 228 16.19 25.04 -7.52
N VAL A 229 16.86 25.07 -8.67
CA VAL A 229 16.89 26.24 -9.54
C VAL A 229 16.23 25.92 -10.88
N THR A 230 15.09 26.55 -11.14
CA THR A 230 14.39 26.32 -12.39
C THR A 230 14.67 27.45 -13.36
N ASN A 231 14.45 27.19 -14.65
CA ASN A 231 14.70 28.16 -15.70
C ASN A 231 16.20 28.38 -15.82
N ALA A 232 16.95 27.48 -15.20
CA ALA A 232 18.39 27.55 -15.21
C ALA A 232 18.92 27.07 -16.56
N LEU A 233 20.01 27.67 -17.01
CA LEU A 233 20.63 27.29 -18.27
C LEU A 233 22.07 26.93 -17.96
N ALA A 234 22.35 25.63 -17.85
CA ALA A 234 23.70 25.18 -17.55
C ALA A 234 24.55 25.51 -18.76
N LYS A 235 25.72 26.08 -18.54
CA LYS A 235 26.59 26.46 -19.65
C LYS A 235 27.75 25.52 -19.93
N GLY A 236 28.30 24.91 -18.89
CA GLY A 236 29.41 24.00 -19.10
C GLY A 236 30.08 23.74 -17.77
N ALA A 237 31.26 23.13 -17.80
CA ALA A 237 31.98 22.83 -16.58
C ALA A 237 33.50 22.75 -16.78
N GLU A 238 34.24 23.27 -15.80
CA GLU A 238 35.70 23.23 -15.82
C GLU A 238 36.03 22.18 -14.75
N GLU A 239 36.36 20.99 -15.21
CA GLU A 239 36.66 19.85 -14.37
C GLU A 239 38.05 19.85 -13.76
N ARG A 240 38.11 20.00 -12.44
CA ARG A 240 39.36 19.99 -11.69
C ARG A 240 39.62 18.54 -11.32
N GLU A 241 40.87 18.20 -10.98
CA GLU A 241 41.16 16.82 -10.60
C GLU A 241 40.82 16.60 -9.12
N ASP A 242 39.68 17.15 -8.71
CA ASP A 242 39.22 17.06 -7.33
C ASP A 242 37.82 17.66 -7.16
N GLY A 243 37.15 17.87 -8.28
CA GLY A 243 35.82 18.45 -8.26
C GLY A 243 35.53 19.04 -9.61
N VAL A 244 34.36 19.64 -9.77
CA VAL A 244 33.97 20.23 -11.05
C VAL A 244 33.30 21.56 -10.76
N THR A 245 33.59 22.56 -11.57
CA THR A 245 32.98 23.87 -11.38
C THR A 245 31.94 24.05 -12.45
N VAL A 246 30.68 24.10 -12.05
CA VAL A 246 29.58 24.25 -13.01
C VAL A 246 29.14 25.70 -13.12
N THR A 247 28.99 26.18 -14.34
CA THR A 247 28.56 27.54 -14.59
C THR A 247 27.18 27.45 -15.25
N TYR A 248 26.25 28.30 -14.82
CA TYR A 248 24.90 28.31 -15.38
C TYR A 248 24.31 29.69 -15.22
N GLU A 249 23.37 30.04 -16.09
CA GLU A 249 22.72 31.34 -16.01
C GLU A 249 21.29 31.14 -15.58
N ALA A 250 20.93 31.71 -14.45
CA ALA A 250 19.57 31.58 -13.95
C ALA A 250 18.95 32.96 -13.81
N ASN A 251 17.85 33.19 -14.54
CA ASN A 251 17.14 34.47 -14.51
C ASN A 251 18.05 35.66 -14.80
N GLY A 252 18.81 35.54 -15.90
CA GLY A 252 19.70 36.61 -16.28
C GLY A 252 20.95 36.81 -15.44
N GLU A 253 21.31 35.84 -14.61
CA GLU A 253 22.51 35.96 -13.79
C GLU A 253 23.40 34.72 -13.95
N THR A 254 24.65 34.92 -14.36
CA THR A 254 25.56 33.80 -14.51
C THR A 254 26.15 33.51 -13.16
N LYS A 255 26.07 32.26 -12.75
CA LYS A 255 26.62 31.86 -11.47
C LYS A 255 27.51 30.64 -11.59
N THR A 256 28.10 30.27 -10.47
CA THR A 256 29.03 29.18 -10.42
C THR A 256 28.84 28.33 -9.15
N ILE A 257 28.98 27.02 -9.30
CA ILE A 257 28.85 26.09 -8.19
C ILE A 257 29.97 25.07 -8.26
N ASP A 258 30.78 24.99 -7.21
CA ASP A 258 31.85 24.00 -7.16
C ASP A 258 31.19 22.77 -6.57
N ALA A 259 31.48 21.60 -7.11
CA ALA A 259 30.89 20.37 -6.59
C ALA A 259 31.84 19.23 -6.81
N ASP A 260 31.54 18.09 -6.21
CA ASP A 260 32.40 16.93 -6.38
C ASP A 260 32.11 16.25 -7.72
N TYR A 261 30.84 16.11 -8.06
CA TYR A 261 30.45 15.50 -9.33
C TYR A 261 29.26 16.24 -9.91
N VAL A 262 29.00 15.99 -11.19
CA VAL A 262 27.87 16.61 -11.86
C VAL A 262 27.14 15.44 -12.44
N LEU A 263 25.82 15.46 -12.38
CA LEU A 263 25.00 14.38 -12.90
C LEU A 263 24.08 14.90 -13.99
N VAL A 264 24.29 14.46 -15.22
CA VAL A 264 23.45 14.94 -16.29
C VAL A 264 22.34 13.93 -16.57
N THR A 265 21.14 14.30 -16.13
CA THR A 265 19.98 13.46 -16.33
C THR A 265 18.94 14.29 -17.07
N VAL A 266 19.26 14.68 -18.29
CA VAL A 266 18.36 15.50 -19.10
C VAL A 266 17.49 14.68 -20.04
N GLY A 267 17.57 13.36 -19.95
CA GLY A 267 16.78 12.50 -20.82
C GLY A 267 17.48 11.26 -21.34
N ARG A 268 16.82 10.53 -22.24
CA ARG A 268 17.36 9.31 -22.82
C ARG A 268 16.96 9.21 -24.28
N ARG A 269 17.90 8.82 -25.12
CA ARG A 269 17.66 8.68 -26.55
C ARG A 269 17.59 7.19 -26.88
N PRO A 270 16.72 6.80 -27.83
CA PRO A 270 16.54 5.41 -28.25
C PRO A 270 17.76 4.83 -28.94
N ASN A 271 18.01 3.54 -28.72
CA ASN A 271 19.13 2.87 -29.37
C ASN A 271 18.63 2.34 -30.69
N THR A 272 18.35 3.24 -31.63
CA THR A 272 17.85 2.86 -32.95
C THR A 272 18.82 3.25 -34.08
N ASP A 273 19.93 3.88 -33.70
CA ASP A 273 20.96 4.33 -34.65
C ASP A 273 22.02 3.27 -34.94
N GLU A 274 22.61 3.36 -36.14
CA GLU A 274 23.62 2.41 -36.60
C GLU A 274 23.23 1.01 -36.16
N LEU A 275 22.11 0.58 -36.70
CA LEU A 275 21.55 -0.72 -36.41
C LEU A 275 21.11 -1.27 -37.76
N GLY A 276 21.15 -0.40 -38.78
CA GLY A 276 20.73 -0.79 -40.11
C GLY A 276 19.26 -0.51 -40.35
N LEU A 277 18.55 -0.10 -39.30
CA LEU A 277 17.11 0.19 -39.39
C LEU A 277 16.85 1.21 -40.49
N GLU A 278 17.79 2.12 -40.67
CA GLU A 278 17.69 3.16 -41.67
C GLU A 278 17.60 2.49 -43.05
N GLN A 279 18.53 1.57 -43.30
CA GLN A 279 18.63 0.84 -44.55
C GLN A 279 17.47 -0.09 -44.90
N ILE A 280 17.09 -0.96 -43.96
CA ILE A 280 15.98 -1.89 -44.21
C ILE A 280 14.60 -1.24 -44.32
N GLY A 281 14.57 0.09 -44.23
CA GLY A 281 13.32 0.83 -44.34
C GLY A 281 12.42 0.84 -43.11
N ILE A 282 12.95 1.29 -41.97
CA ILE A 282 12.14 1.37 -40.77
C ILE A 282 11.87 2.86 -40.56
N LYS A 283 10.63 3.28 -40.80
CA LYS A 283 10.25 4.69 -40.66
C LYS A 283 10.23 5.07 -39.19
N MET A 284 11.13 5.97 -38.84
CA MET A 284 11.24 6.42 -37.47
C MET A 284 10.49 7.73 -37.28
N THR A 285 10.06 7.99 -36.06
CA THR A 285 9.33 9.21 -35.75
C THR A 285 10.30 10.36 -35.54
N ASN A 286 9.73 11.54 -35.38
CA ASN A 286 10.50 12.77 -35.19
C ASN A 286 11.57 12.65 -34.12
N ARG A 287 11.26 11.96 -33.03
CA ARG A 287 12.20 11.81 -31.93
C ARG A 287 13.04 10.51 -31.91
N GLY A 288 13.22 9.90 -33.07
CA GLY A 288 14.01 8.68 -33.15
C GLY A 288 13.31 7.39 -32.82
N LEU A 289 12.10 7.48 -32.27
CA LEU A 289 11.34 6.30 -31.90
C LEU A 289 10.92 5.57 -33.16
N ILE A 290 10.56 4.31 -33.02
CA ILE A 290 10.14 3.51 -34.17
C ILE A 290 8.61 3.38 -34.15
N GLU A 291 7.96 3.84 -35.21
CA GLU A 291 6.51 3.77 -35.26
C GLU A 291 6.07 2.33 -35.46
N VAL A 292 5.07 1.93 -34.70
CA VAL A 292 4.53 0.58 -34.74
C VAL A 292 3.01 0.62 -34.70
N ASP A 293 2.36 -0.48 -35.11
CA ASP A 293 0.89 -0.54 -35.08
C ASP A 293 0.41 -1.04 -33.72
N GLN A 294 -0.88 -1.33 -33.59
CA GLN A 294 -1.41 -1.80 -32.31
C GLN A 294 -0.82 -3.15 -31.88
N GLN A 295 0.05 -3.71 -32.73
CA GLN A 295 0.71 -4.98 -32.43
C GLN A 295 2.22 -4.79 -32.39
N CYS A 296 2.64 -3.54 -32.34
CA CYS A 296 4.06 -3.20 -32.29
C CYS A 296 4.88 -3.64 -33.50
N ARG A 297 4.22 -3.69 -34.66
CA ARG A 297 4.89 -4.07 -35.91
C ARG A 297 5.41 -2.81 -36.58
N THR A 298 6.65 -2.85 -37.02
CA THR A 298 7.29 -1.72 -37.71
C THR A 298 6.85 -1.67 -39.17
N SER A 299 7.50 -0.82 -39.96
CA SER A 299 7.16 -0.69 -41.38
C SER A 299 7.48 -1.95 -42.19
N VAL A 300 8.19 -2.88 -41.55
CA VAL A 300 8.55 -4.14 -42.17
C VAL A 300 7.84 -5.18 -41.31
N PRO A 301 6.74 -5.75 -41.82
CA PRO A 301 5.86 -6.76 -41.22
C PRO A 301 6.50 -7.74 -40.25
N ASN A 302 7.51 -8.46 -40.72
CA ASN A 302 8.21 -9.47 -39.92
C ASN A 302 9.11 -8.85 -38.86
N ILE A 303 8.96 -7.56 -38.63
CA ILE A 303 9.79 -6.86 -37.68
C ILE A 303 8.95 -6.04 -36.71
N PHE A 304 9.07 -6.34 -35.43
CA PHE A 304 8.35 -5.64 -34.39
C PHE A 304 9.33 -4.82 -33.55
N ALA A 305 8.79 -3.92 -32.74
CA ALA A 305 9.60 -3.06 -31.88
C ALA A 305 8.84 -2.90 -30.58
N ILE A 306 9.54 -2.92 -29.47
CA ILE A 306 8.90 -2.79 -28.16
C ILE A 306 9.74 -2.01 -27.15
N GLY A 307 9.11 -1.68 -26.03
CA GLY A 307 9.79 -0.96 -24.96
C GLY A 307 10.16 0.49 -25.19
N ASP A 308 11.35 0.85 -24.74
CA ASP A 308 11.87 2.22 -24.84
C ASP A 308 12.06 2.84 -26.21
N ILE A 309 12.20 2.03 -27.25
CA ILE A 309 12.39 2.60 -28.58
C ILE A 309 11.04 2.92 -29.24
N VAL A 310 9.97 2.49 -28.61
CA VAL A 310 8.63 2.70 -29.11
C VAL A 310 7.94 3.83 -28.35
N PRO A 311 6.97 4.50 -28.98
CA PRO A 311 6.24 5.60 -28.34
C PRO A 311 5.51 5.17 -27.07
N GLY A 312 5.37 6.10 -26.13
CA GLY A 312 4.70 5.82 -24.88
C GLY A 312 5.62 6.04 -23.69
N PRO A 313 5.17 5.75 -22.47
CA PRO A 313 5.99 5.94 -21.27
C PRO A 313 7.12 4.93 -21.21
N ALA A 314 8.35 5.42 -21.09
CA ALA A 314 9.51 4.56 -21.02
C ALA A 314 9.56 3.87 -19.67
N LEU A 315 8.69 2.89 -19.47
CA LEU A 315 8.65 2.17 -18.21
C LEU A 315 8.84 0.69 -18.49
N ALA A 316 9.38 -0.03 -17.53
CA ALA A 316 9.64 -1.47 -17.66
C ALA A 316 8.41 -2.26 -18.08
N HIS A 317 7.28 -2.03 -17.41
CA HIS A 317 6.05 -2.75 -17.74
C HIS A 317 5.51 -2.53 -19.14
N LYS A 318 5.65 -1.31 -19.66
CA LYS A 318 5.20 -1.03 -21.01
C LYS A 318 6.01 -1.99 -21.89
N ALA A 319 7.29 -2.10 -21.55
CA ALA A 319 8.22 -2.96 -22.25
C ALA A 319 7.78 -4.42 -22.22
N SER A 320 7.66 -5.01 -21.03
CA SER A 320 7.25 -6.40 -20.91
C SER A 320 5.87 -6.64 -21.54
N TYR A 321 4.97 -5.67 -21.36
CA TYR A 321 3.63 -5.75 -21.91
C TYR A 321 3.70 -5.86 -23.42
N GLU A 322 4.28 -4.86 -24.06
CA GLU A 322 4.39 -4.86 -25.52
C GLU A 322 5.18 -6.08 -25.96
N GLY A 323 6.04 -6.57 -25.07
CA GLY A 323 6.82 -7.74 -25.38
C GLY A 323 5.86 -8.87 -25.67
N LYS A 324 5.01 -9.19 -24.69
CA LYS A 324 4.02 -10.27 -24.81
C LYS A 324 3.18 -10.13 -26.08
N VAL A 325 2.50 -8.99 -26.21
CA VAL A 325 1.66 -8.69 -27.38
C VAL A 325 2.36 -9.08 -28.67
N ALA A 326 3.59 -8.61 -28.84
CA ALA A 326 4.39 -8.89 -30.04
C ALA A 326 4.49 -10.39 -30.36
N ALA A 327 4.99 -11.20 -29.43
CA ALA A 327 5.13 -12.62 -29.67
C ALA A 327 3.79 -13.25 -30.02
N GLU A 328 2.73 -12.73 -29.41
CA GLU A 328 1.38 -13.24 -29.67
C GLU A 328 1.06 -13.04 -31.14
N ALA A 329 1.12 -11.78 -31.58
CA ALA A 329 0.84 -11.41 -32.97
C ALA A 329 1.73 -12.23 -33.92
N ILE A 330 2.92 -12.58 -33.44
CA ILE A 330 3.87 -13.38 -34.21
C ILE A 330 3.25 -14.78 -34.36
N ALA A 331 2.84 -15.34 -33.23
CA ALA A 331 2.25 -16.67 -33.20
C ALA A 331 0.79 -16.69 -33.68
N GLY A 332 0.40 -15.71 -34.49
CA GLY A 332 -0.97 -15.66 -34.98
C GLY A 332 -1.96 -15.20 -33.93
N HIS A 333 -1.84 -15.77 -32.73
CA HIS A 333 -2.64 -15.46 -31.56
C HIS A 333 -3.08 -14.01 -31.64
N PRO A 334 -4.39 -13.76 -31.81
CA PRO A 334 -4.90 -12.39 -31.90
C PRO A 334 -4.59 -11.59 -30.64
N SER A 335 -4.01 -10.41 -30.82
CA SER A 335 -3.65 -9.56 -29.68
C SER A 335 -3.49 -8.12 -30.09
N ALA A 336 -3.51 -7.23 -29.10
CA ALA A 336 -3.36 -5.80 -29.32
C ALA A 336 -2.87 -5.15 -28.04
N VAL A 337 -2.13 -4.06 -28.18
CA VAL A 337 -1.58 -3.34 -27.03
C VAL A 337 -2.62 -2.41 -26.41
N ASP A 338 -3.88 -2.80 -26.44
CA ASP A 338 -4.93 -1.98 -25.90
C ASP A 338 -5.16 -2.09 -24.39
N TYR A 339 -4.23 -1.57 -23.60
CA TYR A 339 -4.37 -1.55 -22.14
C TYR A 339 -5.15 -0.28 -21.80
N VAL A 340 -5.55 -0.11 -20.55
CA VAL A 340 -6.29 1.10 -20.16
C VAL A 340 -5.37 2.22 -19.65
N ALA A 341 -4.33 1.85 -18.89
CA ALA A 341 -3.36 2.80 -18.35
C ALA A 341 -2.24 2.10 -17.60
N ILE A 342 -1.04 2.67 -17.67
CA ILE A 342 0.12 2.14 -16.97
C ILE A 342 0.40 3.12 -15.84
N PRO A 343 0.43 2.64 -14.59
CA PRO A 343 0.70 3.56 -13.49
C PRO A 343 2.17 3.92 -13.53
N ALA A 344 2.48 5.14 -13.11
CA ALA A 344 3.85 5.61 -13.07
C ALA A 344 4.14 5.93 -11.62
N VAL A 345 5.36 5.64 -11.18
CA VAL A 345 5.73 5.90 -9.81
C VAL A 345 7.11 6.54 -9.73
N VAL A 346 7.28 7.46 -8.79
CA VAL A 346 8.55 8.14 -8.55
C VAL A 346 8.85 8.02 -7.06
N PHE A 347 10.05 7.54 -6.76
CA PHE A 347 10.44 7.35 -5.38
C PHE A 347 11.16 8.54 -4.77
N SER A 348 10.44 9.67 -4.68
CA SER A 348 10.95 10.90 -4.07
C SER A 348 10.61 10.73 -2.59
N ASP A 349 10.98 11.68 -1.71
CA ASP A 349 10.66 11.48 -0.27
C ASP A 349 9.16 11.26 -0.24
N PRO A 350 8.35 12.30 -0.48
CA PRO A 350 6.96 11.87 -0.43
C PRO A 350 6.84 11.11 -1.77
N GLU A 351 6.64 9.81 -1.69
CA GLU A 351 6.50 8.98 -2.89
C GLU A 351 5.41 9.53 -3.81
N CYS A 352 5.59 9.37 -5.11
CA CYS A 352 4.62 9.83 -6.10
C CYS A 352 4.14 8.69 -6.98
N ALA A 353 2.93 8.82 -7.49
CA ALA A 353 2.37 7.82 -8.38
C ALA A 353 1.12 8.36 -9.04
N SER A 354 0.90 7.97 -10.28
CA SER A 354 -0.28 8.39 -11.00
C SER A 354 -0.66 7.30 -11.98
N VAL A 355 -1.93 7.26 -12.33
CA VAL A 355 -2.45 6.29 -13.28
C VAL A 355 -3.66 6.99 -13.88
N GLY A 356 -3.90 6.75 -15.16
CA GLY A 356 -5.03 7.39 -15.80
C GLY A 356 -4.82 8.88 -15.99
N TYR A 357 -5.86 9.56 -16.46
CA TYR A 357 -5.82 10.99 -16.73
C TYR A 357 -5.60 11.86 -15.51
N PHE A 358 -4.93 12.98 -15.75
CA PHE A 358 -4.71 14.00 -14.73
C PHE A 358 -5.90 14.92 -15.01
N GLU A 359 -6.33 15.70 -14.01
CA GLU A 359 -7.47 16.60 -14.22
C GLU A 359 -7.30 17.38 -15.52
N GLN A 360 -6.09 17.87 -15.74
CA GLN A 360 -5.73 18.64 -16.93
C GLN A 360 -6.05 17.91 -18.24
N GLN A 361 -5.20 16.95 -18.61
CA GLN A 361 -5.36 16.20 -19.84
C GLN A 361 -6.77 15.66 -20.07
N ALA A 362 -7.53 15.49 -19.01
CA ALA A 362 -8.89 15.01 -19.15
C ALA A 362 -9.73 16.15 -19.66
N LYS A 363 -9.59 17.31 -19.03
CA LYS A 363 -10.34 18.50 -19.39
C LYS A 363 -10.01 18.96 -20.81
N ASP A 364 -8.72 19.08 -21.10
CA ASP A 364 -8.24 19.51 -22.42
C ASP A 364 -8.61 18.50 -23.52
N GLU A 365 -8.92 17.27 -23.11
CA GLU A 365 -9.32 16.22 -24.05
C GLU A 365 -10.82 16.37 -24.20
N GLY A 366 -11.35 17.43 -23.59
CA GLY A 366 -12.77 17.69 -23.64
C GLY A 366 -13.58 16.72 -22.83
N ILE A 367 -13.05 16.30 -21.68
CA ILE A 367 -13.79 15.36 -20.81
C ILE A 367 -14.32 16.04 -19.55
N ASP A 368 -15.60 15.78 -19.28
CA ASP A 368 -16.28 16.33 -18.11
C ASP A 368 -15.80 15.58 -16.88
N VAL A 369 -15.03 16.24 -16.02
CA VAL A 369 -14.52 15.55 -14.84
C VAL A 369 -14.62 16.34 -13.55
N ILE A 370 -14.60 15.59 -12.45
CA ILE A 370 -14.62 16.18 -11.12
C ILE A 370 -13.34 15.65 -10.48
N ALA A 371 -12.72 16.47 -9.64
CA ALA A 371 -11.51 16.07 -8.97
C ALA A 371 -11.76 16.03 -7.48
N ALA A 372 -11.53 14.87 -6.88
CA ALA A 372 -11.72 14.70 -5.45
C ALA A 372 -10.34 14.52 -4.86
N LYS A 373 -10.02 15.29 -3.84
CA LYS A 373 -8.73 15.21 -3.19
C LYS A 373 -8.89 15.02 -1.68
N PHE A 374 -8.08 14.14 -1.10
CA PHE A 374 -8.11 13.87 0.34
C PHE A 374 -6.69 13.92 0.92
N PRO A 375 -6.49 14.69 1.98
CA PRO A 375 -5.20 14.85 2.64
C PRO A 375 -4.78 13.70 3.55
N PHE A 376 -3.52 13.32 3.48
CA PHE A 376 -3.02 12.27 4.35
C PHE A 376 -3.11 12.77 5.78
N ALA A 377 -3.02 14.08 5.97
CA ALA A 377 -3.07 14.71 7.29
C ALA A 377 -4.33 14.37 8.10
N ALA A 378 -5.43 14.14 7.41
CA ALA A 378 -6.68 13.80 8.09
C ALA A 378 -6.78 12.27 8.12
N ASN A 379 -5.67 11.62 8.43
CA ASN A 379 -5.63 10.16 8.46
C ASN A 379 -4.81 9.64 9.63
N GLY A 380 -5.42 8.77 10.43
CA GLY A 380 -4.74 8.22 11.59
C GLY A 380 -3.46 7.46 11.31
N ARG A 381 -3.45 6.71 10.21
CA ARG A 381 -2.27 5.93 9.85
C ARG A 381 -1.11 6.86 9.49
N ALA A 382 -1.41 7.89 8.70
CA ALA A 382 -0.41 8.86 8.27
C ALA A 382 0.15 9.56 9.50
N LEU A 383 -0.74 9.95 10.41
CA LEU A 383 -0.31 10.61 11.63
C LEU A 383 0.62 9.69 12.42
N ALA A 384 0.26 8.42 12.47
CA ALA A 384 1.07 7.44 13.20
C ALA A 384 2.46 7.31 12.61
N LEU A 385 2.55 7.39 11.28
CA LEU A 385 3.82 7.31 10.58
C LEU A 385 4.57 8.63 10.70
N ASN A 386 3.85 9.65 11.17
CA ASN A 386 4.37 10.99 11.33
C ASN A 386 4.75 11.61 9.98
N ASP A 387 3.91 11.38 8.99
CA ASP A 387 4.14 11.90 7.64
C ASP A 387 2.79 12.37 7.09
N THR A 388 2.44 13.60 7.46
CA THR A 388 1.19 14.20 7.05
C THR A 388 1.20 14.89 5.70
N ASP A 389 2.38 15.04 5.10
CA ASP A 389 2.44 15.67 3.79
C ASP A 389 1.95 14.67 2.78
N GLY A 390 1.03 15.11 1.93
CA GLY A 390 0.51 14.23 0.90
C GLY A 390 -0.98 14.29 0.70
N PHE A 391 -1.44 13.80 -0.45
CA PHE A 391 -2.86 13.80 -0.76
C PHE A 391 -3.14 12.78 -1.84
N LEU A 392 -4.40 12.44 -1.98
CA LEU A 392 -4.83 11.51 -3.00
C LEU A 392 -5.84 12.31 -3.80
N LYS A 393 -5.68 12.30 -5.11
CA LYS A 393 -6.60 13.00 -5.99
C LYS A 393 -7.23 11.95 -6.86
N LEU A 394 -8.51 12.13 -7.13
CA LEU A 394 -9.26 11.19 -7.93
C LEU A 394 -9.99 12.05 -8.96
N VAL A 395 -9.89 11.68 -10.24
CA VAL A 395 -10.58 12.41 -11.29
C VAL A 395 -11.60 11.45 -11.89
N VAL A 396 -12.87 11.73 -11.66
CA VAL A 396 -13.91 10.87 -12.16
C VAL A 396 -14.73 11.58 -13.22
N ARG A 397 -15.18 10.82 -14.20
CA ARG A 397 -16.00 11.34 -15.28
C ARG A 397 -17.36 11.76 -14.70
N LYS A 398 -17.64 13.05 -14.78
CA LYS A 398 -18.87 13.65 -14.27
C LYS A 398 -20.15 13.04 -14.83
N GLU A 399 -20.07 12.52 -16.05
CA GLU A 399 -21.23 11.95 -16.72
C GLU A 399 -21.49 10.47 -16.44
N ASP A 400 -21.18 10.01 -15.21
CA ASP A 400 -21.40 8.62 -14.76
C ASP A 400 -20.55 8.18 -13.57
N GLY A 401 -19.75 9.10 -13.05
CA GLY A 401 -18.92 8.79 -11.90
C GLY A 401 -17.85 7.73 -12.09
N VAL A 402 -17.60 7.34 -13.34
CA VAL A 402 -16.57 6.35 -13.64
C VAL A 402 -15.20 6.97 -13.40
N ILE A 403 -14.32 6.22 -12.74
CA ILE A 403 -12.98 6.70 -12.42
C ILE A 403 -12.07 6.60 -13.64
N ILE A 404 -11.39 7.71 -13.96
CA ILE A 404 -10.51 7.72 -15.12
C ILE A 404 -9.05 8.05 -14.82
N GLY A 405 -8.80 8.59 -13.62
CA GLY A 405 -7.45 8.93 -13.23
C GLY A 405 -7.28 9.12 -11.74
N ALA A 406 -6.10 8.81 -11.22
CA ALA A 406 -5.82 8.94 -9.80
C ALA A 406 -4.35 9.28 -9.61
N GLN A 407 -4.08 10.18 -8.66
CA GLN A 407 -2.71 10.62 -8.34
C GLN A 407 -2.51 10.59 -6.82
N ILE A 408 -1.38 10.05 -6.38
CA ILE A 408 -1.11 9.97 -4.96
C ILE A 408 0.30 10.48 -4.69
N ILE A 409 0.44 11.25 -3.63
CA ILE A 409 1.74 11.73 -3.22
C ILE A 409 1.73 11.56 -1.70
N GLY A 410 2.57 10.65 -1.23
CA GLY A 410 2.66 10.40 0.19
C GLY A 410 3.28 9.03 0.42
N PRO A 411 3.27 8.53 1.67
CA PRO A 411 3.85 7.22 1.96
C PRO A 411 3.15 6.09 1.24
N ASN A 412 3.93 5.17 0.72
CA ASN A 412 3.42 4.00 0.03
C ASN A 412 2.53 4.26 -1.15
N ALA A 413 2.66 5.43 -1.77
CA ALA A 413 1.83 5.73 -2.92
C ALA A 413 2.05 4.69 -4.02
N SER A 414 3.25 4.11 -4.08
CA SER A 414 3.54 3.11 -5.11
C SER A 414 2.77 1.82 -4.88
N ASP A 415 2.33 1.61 -3.64
CA ASP A 415 1.55 0.43 -3.30
C ASP A 415 0.05 0.77 -3.34
N MET A 416 -0.31 1.94 -2.83
CA MET A 416 -1.70 2.40 -2.81
C MET A 416 -2.26 2.50 -4.21
N ILE A 417 -1.45 2.95 -5.15
CA ILE A 417 -1.86 3.14 -6.54
C ILE A 417 -2.44 1.88 -7.17
N ALA A 418 -1.98 0.71 -6.72
CA ALA A 418 -2.44 -0.56 -7.26
C ALA A 418 -3.95 -0.68 -7.26
N GLU A 419 -4.58 -0.35 -6.12
CA GLU A 419 -6.03 -0.42 -6.01
C GLU A 419 -6.71 0.45 -7.06
N LEU A 420 -6.36 1.74 -7.05
CA LEU A 420 -6.92 2.72 -7.96
C LEU A 420 -6.68 2.31 -9.41
N GLY A 421 -5.57 1.64 -9.66
CA GLY A 421 -5.26 1.20 -11.00
C GLY A 421 -6.26 0.16 -11.49
N LEU A 422 -6.63 -0.76 -10.60
CA LEU A 422 -7.58 -1.82 -10.93
C LEU A 422 -8.96 -1.26 -11.23
N ALA A 423 -9.41 -0.34 -10.40
CA ALA A 423 -10.71 0.30 -10.57
C ALA A 423 -10.79 0.94 -11.96
N ILE A 424 -9.79 1.76 -12.28
CA ILE A 424 -9.71 2.46 -13.56
C ILE A 424 -9.81 1.52 -14.75
N GLU A 425 -9.15 0.37 -14.66
CA GLU A 425 -9.21 -0.61 -15.75
C GLU A 425 -10.58 -1.27 -15.78
N ALA A 426 -11.19 -1.46 -14.60
CA ALA A 426 -12.48 -2.09 -14.48
C ALA A 426 -13.65 -1.12 -14.73
N GLY A 427 -13.32 0.16 -14.95
CA GLY A 427 -14.34 1.15 -15.20
C GLY A 427 -15.23 1.36 -13.99
N MET A 428 -14.67 1.14 -12.82
CA MET A 428 -15.44 1.30 -11.59
C MET A 428 -15.76 2.77 -11.31
N THR A 429 -16.91 3.01 -10.71
CA THR A 429 -17.33 4.36 -10.36
C THR A 429 -16.88 4.71 -8.95
N ALA A 430 -16.80 5.99 -8.64
CA ALA A 430 -16.38 6.44 -7.32
C ALA A 430 -17.16 5.74 -6.21
N GLU A 431 -18.46 5.56 -6.42
CA GLU A 431 -19.32 4.90 -5.42
C GLU A 431 -18.90 3.47 -5.14
N ASP A 432 -18.43 2.77 -6.16
CA ASP A 432 -17.97 1.39 -6.00
C ASP A 432 -16.87 1.30 -4.98
N ILE A 433 -16.01 2.32 -4.96
CA ILE A 433 -14.90 2.37 -4.02
C ILE A 433 -15.41 2.79 -2.63
N ALA A 434 -16.30 3.79 -2.59
CA ALA A 434 -16.84 4.30 -1.32
C ALA A 434 -17.66 3.29 -0.55
N LEU A 435 -18.28 2.34 -1.26
CA LEU A 435 -19.08 1.33 -0.61
C LEU A 435 -18.22 0.20 -0.06
N THR A 436 -17.02 0.05 -0.63
CA THR A 436 -16.07 -0.99 -0.20
C THR A 436 -15.40 -0.63 1.14
N ILE A 437 -15.41 -1.57 2.09
CA ILE A 437 -14.79 -1.33 3.38
C ILE A 437 -13.31 -1.62 3.33
N HIS A 438 -12.52 -0.57 3.50
CA HIS A 438 -11.07 -0.69 3.48
C HIS A 438 -10.58 -0.97 4.91
N ALA A 439 -9.34 -1.42 5.06
CA ALA A 439 -8.81 -1.71 6.37
C ALA A 439 -8.66 -0.43 7.21
N HIS A 440 -8.49 -0.60 8.52
CA HIS A 440 -8.34 0.52 9.44
C HIS A 440 -7.43 0.14 10.60
N PRO A 441 -6.49 1.03 10.97
CA PRO A 441 -6.25 2.31 10.33
C PRO A 441 -5.11 2.14 9.33
N THR A 442 -5.36 2.46 8.07
CA THR A 442 -4.33 2.29 7.04
C THR A 442 -4.29 3.47 6.09
N LEU A 443 -3.27 3.53 5.25
CA LEU A 443 -3.18 4.61 4.27
C LEU A 443 -4.22 4.36 3.17
N GLY A 444 -4.50 3.09 2.87
CA GLY A 444 -5.49 2.76 1.86
C GLY A 444 -6.89 3.28 2.18
N GLU A 445 -7.21 3.38 3.46
CA GLU A 445 -8.49 3.88 3.95
C GLU A 445 -8.78 5.21 3.22
N ILE A 446 -7.72 5.96 2.91
CA ILE A 446 -7.85 7.25 2.23
C ILE A 446 -8.59 7.18 0.90
N ALA A 447 -8.31 6.16 0.10
CA ALA A 447 -8.99 6.00 -1.19
C ALA A 447 -10.50 5.97 -1.00
N MET A 448 -10.95 5.29 0.04
CA MET A 448 -12.37 5.17 0.35
C MET A 448 -12.91 6.55 0.75
N GLU A 449 -12.19 7.22 1.65
CA GLU A 449 -12.62 8.54 2.11
C GLU A 449 -12.52 9.64 1.05
N ALA A 450 -11.79 9.37 -0.03
CA ALA A 450 -11.66 10.32 -1.12
C ALA A 450 -12.84 10.15 -2.04
N ALA A 451 -13.13 8.90 -2.41
CA ALA A 451 -14.27 8.60 -3.28
C ALA A 451 -15.51 9.12 -2.57
N GLU A 452 -15.47 9.10 -1.25
CA GLU A 452 -16.57 9.60 -0.44
C GLU A 452 -16.81 11.04 -0.86
N VAL A 453 -15.74 11.83 -0.82
CA VAL A 453 -15.78 13.24 -1.18
C VAL A 453 -16.27 13.45 -2.61
N ALA A 454 -16.05 12.47 -3.48
CA ALA A 454 -16.46 12.57 -4.88
C ALA A 454 -17.96 12.35 -5.09
N LEU A 455 -18.70 12.16 -4.00
CA LEU A 455 -20.13 11.94 -4.11
C LEU A 455 -20.96 13.07 -3.49
N ALA B 1 -37.83 14.65 29.35
CA ALA B 1 -38.01 16.12 29.48
C ALA B 1 -37.46 16.75 28.21
N ILE B 2 -36.14 16.74 28.05
CA ILE B 2 -35.51 17.28 26.85
C ILE B 2 -35.91 16.33 25.73
N GLU B 3 -36.56 16.87 24.70
CA GLU B 3 -37.02 16.06 23.57
C GLU B 3 -36.04 16.11 22.41
N THR B 4 -35.94 15.01 21.69
CA THR B 4 -35.06 14.92 20.53
C THR B 4 -35.64 13.90 19.56
N GLU B 5 -34.95 13.70 18.44
CA GLU B 5 -35.43 12.78 17.42
C GLU B 5 -34.62 11.48 17.39
N THR B 6 -33.32 11.59 17.13
CA THR B 6 -32.43 10.45 17.06
C THR B 6 -31.36 10.60 18.13
N LEU B 7 -31.39 9.69 19.09
CA LEU B 7 -30.40 9.70 20.16
C LEU B 7 -29.38 8.60 19.87
N VAL B 8 -28.11 8.96 19.93
CA VAL B 8 -27.03 8.03 19.69
C VAL B 8 -26.29 7.84 21.01
N VAL B 9 -26.19 6.60 21.46
CA VAL B 9 -25.48 6.32 22.71
C VAL B 9 -24.09 5.80 22.35
N GLY B 10 -23.08 6.66 22.56
CA GLY B 10 -21.72 6.30 22.27
C GLY B 10 -21.10 7.12 21.16
N ALA B 11 -19.90 7.62 21.40
CA ALA B 11 -19.21 8.44 20.41
C ALA B 11 -18.02 7.71 19.79
N GLY B 12 -18.17 6.41 19.56
CA GLY B 12 -17.07 5.64 18.98
C GLY B 12 -17.12 5.73 17.46
N PRO B 13 -16.24 5.04 16.73
CA PRO B 13 -16.28 5.11 15.26
C PRO B 13 -17.68 4.88 14.72
N GLY B 14 -18.37 3.90 15.29
CA GLY B 14 -19.73 3.62 14.84
C GLY B 14 -20.66 4.72 15.34
N GLY B 15 -20.45 5.15 16.58
CA GLY B 15 -21.28 6.18 17.19
C GLY B 15 -21.32 7.53 16.51
N TYR B 16 -20.16 8.18 16.37
CA TYR B 16 -20.14 9.49 15.75
C TYR B 16 -20.48 9.51 14.27
N VAL B 17 -20.02 8.54 13.50
CA VAL B 17 -20.36 8.54 12.08
C VAL B 17 -21.88 8.37 11.94
N ALA B 18 -22.47 7.60 12.84
CA ALA B 18 -23.91 7.37 12.83
C ALA B 18 -24.57 8.69 13.17
N ALA B 19 -24.03 9.38 14.17
CA ALA B 19 -24.56 10.67 14.60
C ALA B 19 -24.41 11.73 13.50
N ILE B 20 -23.57 11.44 12.51
CA ILE B 20 -23.33 12.37 11.41
C ILE B 20 -24.15 12.12 10.14
N ARG B 21 -24.22 10.88 9.67
CA ARG B 21 -25.03 10.61 8.48
C ARG B 21 -26.49 10.95 8.79
N ALA B 22 -26.87 10.77 10.06
CA ALA B 22 -28.23 11.07 10.51
C ALA B 22 -28.51 12.56 10.40
N ALA B 23 -27.60 13.35 10.92
CA ALA B 23 -27.74 14.81 10.85
C ALA B 23 -27.75 15.18 9.37
N GLN B 24 -26.95 14.48 8.59
CA GLN B 24 -26.88 14.73 7.16
C GLN B 24 -28.29 14.57 6.61
N LEU B 25 -28.98 13.57 7.09
CA LEU B 25 -30.35 13.28 6.64
C LEU B 25 -31.42 14.07 7.40
N GLY B 26 -31.08 15.28 7.78
CA GLY B 26 -32.01 16.16 8.48
C GLY B 26 -32.43 15.79 9.89
N GLN B 27 -31.99 14.64 10.38
CA GLN B 27 -32.38 14.20 11.71
C GLN B 27 -31.79 15.06 12.83
N LYS B 28 -32.61 15.27 13.86
CA LYS B 28 -32.22 16.03 15.05
C LYS B 28 -31.51 15.01 15.93
N VAL B 29 -30.18 15.07 15.97
CA VAL B 29 -29.40 14.10 16.72
C VAL B 29 -28.77 14.58 18.03
N THR B 30 -28.87 13.72 19.05
CA THR B 30 -28.30 13.96 20.37
C THR B 30 -27.47 12.73 20.70
N ILE B 31 -26.16 12.90 20.82
CA ILE B 31 -25.25 11.80 21.11
C ILE B 31 -24.80 11.87 22.58
N VAL B 32 -24.80 10.72 23.24
CA VAL B 32 -24.41 10.65 24.64
C VAL B 32 -23.09 9.91 24.76
N GLU B 33 -22.24 10.36 25.66
CA GLU B 33 -20.93 9.75 25.85
C GLU B 33 -20.46 9.91 27.29
N LYS B 34 -20.15 8.79 27.93
CA LYS B 34 -19.69 8.83 29.32
C LYS B 34 -18.26 9.34 29.44
N GLY B 35 -17.41 9.03 28.45
CA GLY B 35 -16.03 9.47 28.49
C GLY B 35 -15.65 10.54 27.48
N ASN B 36 -14.73 10.20 26.58
CA ASN B 36 -14.28 11.14 25.56
C ASN B 36 -14.80 10.69 24.21
N LEU B 37 -14.99 11.65 23.31
CA LEU B 37 -15.47 11.37 21.96
C LEU B 37 -14.41 10.55 21.21
N GLY B 38 -14.85 9.86 20.16
CA GLY B 38 -13.91 9.05 19.39
C GLY B 38 -13.92 7.65 19.93
N GLY B 39 -14.27 7.51 21.21
CA GLY B 39 -14.34 6.21 21.83
C GLY B 39 -13.02 5.46 21.97
N VAL B 40 -13.13 4.14 22.01
CA VAL B 40 -11.98 3.25 22.17
C VAL B 40 -10.90 3.39 21.10
N CYS B 41 -11.31 3.37 19.84
CA CYS B 41 -10.36 3.46 18.73
C CYS B 41 -9.37 4.63 18.83
N LEU B 42 -9.89 5.84 18.99
CA LEU B 42 -9.01 7.00 19.07
C LEU B 42 -8.25 7.13 20.37
N ASN B 43 -8.97 7.02 21.48
CA ASN B 43 -8.35 7.21 22.77
C ASN B 43 -7.44 6.11 23.30
N VAL B 44 -7.91 4.87 23.26
CA VAL B 44 -7.12 3.76 23.81
C VAL B 44 -7.17 2.48 22.96
N GLY B 45 -7.33 2.64 21.65
CA GLY B 45 -7.40 1.48 20.77
C GLY B 45 -6.49 1.52 19.57
N CYS B 46 -7.08 1.66 18.38
CA CYS B 46 -6.35 1.69 17.10
C CYS B 46 -5.19 2.70 17.02
N ILE B 47 -5.50 3.99 17.19
CA ILE B 47 -4.49 5.02 17.08
C ILE B 47 -3.27 4.94 18.00
N PRO B 48 -3.49 4.91 19.33
CA PRO B 48 -2.36 4.83 20.27
C PRO B 48 -1.53 3.59 19.99
N SER B 49 -2.25 2.50 19.72
CA SER B 49 -1.64 1.21 19.42
C SER B 49 -0.66 1.32 18.26
N LYS B 50 -1.13 1.77 17.10
CA LYS B 50 -0.27 1.92 15.92
C LYS B 50 0.84 2.92 16.18
N ALA B 51 0.52 4.03 16.87
CA ALA B 51 1.53 5.05 17.17
C ALA B 51 2.71 4.48 17.98
N LEU B 52 2.40 3.67 18.99
CA LEU B 52 3.42 3.07 19.84
C LEU B 52 4.26 2.08 19.03
N ILE B 53 3.60 1.36 18.12
CA ILE B 53 4.28 0.39 17.27
C ILE B 53 5.21 1.11 16.28
N SER B 54 4.75 2.24 15.72
CA SER B 54 5.53 3.02 14.76
C SER B 54 6.82 3.47 15.43
N ALA B 55 6.68 4.06 16.61
CA ALA B 55 7.82 4.52 17.37
C ALA B 55 8.73 3.33 17.61
N SER B 56 8.15 2.20 18.02
CA SER B 56 8.95 1.02 18.29
C SER B 56 9.75 0.54 17.09
N HIS B 57 9.18 0.61 15.89
CA HIS B 57 9.92 0.16 14.71
C HIS B 57 11.01 1.12 14.30
N ARG B 58 10.77 2.42 14.46
CA ARG B 58 11.77 3.43 14.15
C ARG B 58 12.97 3.05 15.00
N TYR B 59 12.70 2.66 16.23
CA TYR B 59 13.73 2.24 17.17
C TYR B 59 14.44 0.94 16.70
N GLU B 60 13.66 -0.10 16.40
CA GLU B 60 14.20 -1.38 15.93
C GLU B 60 15.16 -1.15 14.77
N GLN B 61 14.66 -0.45 13.76
CA GLN B 61 15.39 -0.16 12.54
C GLN B 61 16.66 0.65 12.79
N ALA B 62 16.57 1.63 13.68
CA ALA B 62 17.72 2.47 13.98
C ALA B 62 18.84 1.60 14.47
N LYS B 63 18.55 0.80 15.48
CA LYS B 63 19.55 -0.07 16.05
C LYS B 63 19.89 -1.29 15.20
N HIS B 64 19.18 -1.53 14.11
CA HIS B 64 19.48 -2.73 13.33
C HIS B 64 19.51 -2.66 11.80
N SER B 65 20.18 -1.65 11.25
CA SER B 65 20.27 -1.53 9.79
C SER B 65 21.67 -1.93 9.34
N GLU B 66 22.36 -2.69 10.19
CA GLU B 66 23.72 -3.16 9.97
C GLU B 66 23.95 -3.84 8.61
N GLU B 67 22.90 -4.38 8.01
CA GLU B 67 23.03 -5.06 6.72
C GLU B 67 23.15 -4.10 5.54
N MET B 68 22.67 -2.87 5.70
CA MET B 68 22.76 -1.88 4.63
C MET B 68 23.89 -0.87 4.85
N GLY B 69 24.79 -1.18 5.78
CA GLY B 69 25.91 -0.31 6.05
C GLY B 69 25.61 0.86 6.96
N ILE B 70 24.45 0.87 7.57
CA ILE B 70 24.09 1.97 8.46
C ILE B 70 24.40 1.50 9.87
N LYS B 71 25.29 2.22 10.54
CA LYS B 71 25.67 1.86 11.89
C LYS B 71 25.65 3.10 12.78
N ALA B 72 24.67 3.15 13.67
CA ALA B 72 24.54 4.26 14.60
C ALA B 72 25.40 3.98 15.83
N GLU B 73 25.14 4.71 16.91
CA GLU B 73 25.86 4.52 18.15
C GLU B 73 25.04 5.20 19.23
N ASN B 74 24.91 4.54 20.38
CA ASN B 74 24.14 5.09 21.49
C ASN B 74 22.76 5.63 21.09
N VAL B 75 21.88 4.75 20.61
CA VAL B 75 20.53 5.19 20.22
C VAL B 75 19.65 5.20 21.46
N THR B 76 19.26 6.39 21.88
CA THR B 76 18.43 6.55 23.06
C THR B 76 16.95 6.64 22.77
N ILE B 77 16.17 6.06 23.68
CA ILE B 77 14.71 6.07 23.61
C ILE B 77 14.24 6.82 24.85
N ASP B 78 13.36 7.79 24.61
CA ASP B 78 12.81 8.59 25.68
C ASP B 78 11.32 8.27 25.69
N PHE B 79 10.92 7.29 26.48
CA PHE B 79 9.52 6.90 26.51
C PHE B 79 8.59 8.06 26.83
N ALA B 80 9.04 8.97 27.70
CA ALA B 80 8.23 10.13 28.09
C ALA B 80 7.89 11.00 26.86
N LYS B 81 8.82 11.08 25.93
CA LYS B 81 8.61 11.84 24.72
C LYS B 81 7.70 11.03 23.79
N VAL B 82 7.95 9.72 23.75
CA VAL B 82 7.16 8.79 22.94
C VAL B 82 5.70 8.98 23.31
N GLN B 83 5.42 8.88 24.60
CA GLN B 83 4.07 9.03 25.12
C GLN B 83 3.49 10.41 24.82
N GLU B 84 4.33 11.44 24.96
CA GLU B 84 3.91 12.80 24.68
C GLU B 84 3.45 12.87 23.24
N TRP B 85 4.29 12.36 22.34
CA TRP B 85 3.99 12.35 20.92
C TRP B 85 2.67 11.63 20.66
N LYS B 86 2.58 10.37 21.06
CA LYS B 86 1.35 9.59 20.88
C LYS B 86 0.15 10.39 21.39
N ALA B 87 0.32 11.01 22.56
CA ALA B 87 -0.74 11.81 23.16
C ALA B 87 -1.19 12.95 22.28
N SER B 88 -0.28 13.55 21.54
CA SER B 88 -0.68 14.63 20.66
C SER B 88 -1.49 14.09 19.48
N VAL B 89 -1.07 12.95 18.92
CA VAL B 89 -1.78 12.35 17.78
C VAL B 89 -3.23 12.12 18.16
N VAL B 90 -3.42 11.57 19.34
CA VAL B 90 -4.74 11.29 19.86
C VAL B 90 -5.53 12.58 20.02
N LYS B 91 -4.97 13.54 20.75
CA LYS B 91 -5.66 14.82 20.98
C LYS B 91 -6.01 15.52 19.68
N LYS B 92 -5.20 15.30 18.67
CA LYS B 92 -5.41 15.91 17.37
C LYS B 92 -6.66 15.32 16.73
N LEU B 93 -6.72 13.99 16.67
CA LEU B 93 -7.86 13.29 16.09
C LEU B 93 -9.14 13.51 16.88
N THR B 94 -9.04 13.51 18.20
CA THR B 94 -10.19 13.72 19.06
C THR B 94 -10.86 15.03 18.68
N GLY B 95 -10.06 16.09 18.56
CA GLY B 95 -10.59 17.39 18.19
C GLY B 95 -11.39 17.30 16.90
N GLY B 96 -10.86 16.52 15.95
CA GLY B 96 -11.53 16.35 14.68
C GLY B 96 -12.93 15.86 14.89
N VAL B 97 -13.07 14.83 15.72
CA VAL B 97 -14.38 14.27 16.02
C VAL B 97 -15.27 15.34 16.63
N GLU B 98 -14.81 15.97 17.70
CA GLU B 98 -15.61 17.00 18.34
C GLU B 98 -16.01 18.04 17.31
N GLY B 99 -15.07 18.37 16.44
CA GLY B 99 -15.31 19.35 15.40
C GLY B 99 -16.40 18.90 14.45
N LEU B 100 -16.27 17.67 13.92
CA LEU B 100 -17.25 17.14 12.99
C LEU B 100 -18.66 17.14 13.54
N LEU B 101 -18.80 16.75 14.80
CA LEU B 101 -20.11 16.71 15.45
C LEU B 101 -20.69 18.11 15.51
N LYS B 102 -19.97 19.01 16.17
CA LYS B 102 -20.41 20.39 16.30
C LYS B 102 -20.70 21.04 14.94
N GLY B 103 -19.82 20.79 13.96
CA GLY B 103 -19.99 21.33 12.63
C GLY B 103 -21.31 20.88 12.04
N ASN B 104 -21.65 19.61 12.24
CA ASN B 104 -22.91 19.08 11.74
C ASN B 104 -24.01 19.38 12.75
N LYS B 105 -23.66 20.15 13.78
CA LYS B 105 -24.56 20.54 14.85
C LYS B 105 -25.27 19.42 15.58
N VAL B 106 -24.52 18.38 15.94
CA VAL B 106 -25.06 17.24 16.67
C VAL B 106 -25.00 17.64 18.14
N GLU B 107 -26.08 17.39 18.88
CA GLU B 107 -26.13 17.72 20.30
C GLU B 107 -25.26 16.71 21.05
N ILE B 108 -24.26 17.20 21.77
CA ILE B 108 -23.38 16.29 22.52
C ILE B 108 -23.71 16.33 24.02
N VAL B 109 -24.04 15.17 24.59
CA VAL B 109 -24.38 15.05 26.00
C VAL B 109 -23.38 14.17 26.74
N LYS B 110 -22.77 14.70 27.79
CA LYS B 110 -21.82 13.95 28.57
C LYS B 110 -22.56 13.22 29.68
N GLY B 111 -22.43 11.90 29.72
CA GLY B 111 -23.11 11.13 30.75
C GLY B 111 -23.29 9.66 30.46
N GLU B 112 -23.61 8.90 31.49
CA GLU B 112 -23.84 7.48 31.39
C GLU B 112 -25.33 7.31 31.08
N ALA B 113 -25.65 6.89 29.86
CA ALA B 113 -27.04 6.71 29.45
C ALA B 113 -27.63 5.42 29.97
N TYR B 114 -28.91 5.48 30.31
CA TYR B 114 -29.65 4.35 30.86
C TYR B 114 -31.03 4.37 30.21
N PHE B 115 -31.46 3.24 29.69
CA PHE B 115 -32.76 3.16 29.04
C PHE B 115 -33.89 2.93 30.03
N VAL B 116 -34.72 3.95 30.21
CA VAL B 116 -35.87 3.89 31.13
C VAL B 116 -36.99 3.13 30.44
N ASP B 117 -37.13 3.33 29.13
CA ASP B 117 -38.14 2.63 28.35
C ASP B 117 -37.80 2.74 26.87
N ALA B 118 -38.63 2.14 26.03
CA ALA B 118 -38.44 2.12 24.59
C ALA B 118 -38.38 3.48 23.88
N ASN B 119 -38.57 4.57 24.62
CA ASN B 119 -38.54 5.90 24.02
C ASN B 119 -37.93 6.93 24.96
N THR B 120 -37.34 6.44 26.05
CA THR B 120 -36.75 7.35 27.02
C THR B 120 -35.49 6.82 27.65
N VAL B 121 -34.53 7.72 27.88
CA VAL B 121 -33.27 7.38 28.51
C VAL B 121 -32.89 8.49 29.45
N ARG B 122 -32.38 8.14 30.60
CA ARG B 122 -31.96 9.14 31.55
C ARG B 122 -30.45 9.01 31.57
N VAL B 123 -29.76 10.15 31.62
CA VAL B 123 -28.31 10.13 31.65
C VAL B 123 -27.87 10.71 32.98
N VAL B 124 -27.03 9.97 33.68
CA VAL B 124 -26.54 10.41 34.98
C VAL B 124 -25.14 10.97 34.85
N ASN B 125 -24.99 12.22 35.23
CA ASN B 125 -23.69 12.87 35.17
C ASN B 125 -23.35 13.18 36.62
N GLY B 126 -22.82 12.18 37.30
CA GLY B 126 -22.50 12.35 38.71
C GLY B 126 -23.80 12.35 39.48
N ASP B 127 -24.02 13.37 40.29
CA ASP B 127 -25.26 13.47 41.06
C ASP B 127 -26.38 13.99 40.18
N SER B 128 -26.04 14.33 38.94
CA SER B 128 -27.01 14.83 37.97
C SER B 128 -27.69 13.68 37.22
N ALA B 129 -28.93 13.92 36.80
CA ALA B 129 -29.71 12.94 36.06
C ALA B 129 -30.75 13.69 35.25
N GLN B 130 -30.60 13.66 33.92
CA GLN B 130 -31.50 14.35 33.01
C GLN B 130 -32.25 13.29 32.21
N THR B 131 -33.38 13.66 31.63
CA THR B 131 -34.14 12.69 30.87
C THR B 131 -34.41 13.14 29.44
N TYR B 132 -33.90 12.36 28.49
CA TYR B 132 -34.05 12.66 27.09
C TYR B 132 -35.06 11.75 26.43
N THR B 133 -36.08 12.36 25.85
CA THR B 133 -37.12 11.63 25.17
C THR B 133 -36.73 11.64 23.69
N PHE B 134 -36.77 10.47 23.04
CA PHE B 134 -36.37 10.37 21.64
C PHE B 134 -37.37 9.59 20.79
N LYS B 135 -37.20 9.69 19.47
CA LYS B 135 -38.08 8.98 18.54
C LYS B 135 -37.46 7.60 18.30
N ASN B 136 -36.20 7.62 17.87
CA ASN B 136 -35.46 6.40 17.60
C ASN B 136 -34.08 6.59 18.18
N ALA B 137 -33.44 5.49 18.54
CA ALA B 137 -32.12 5.54 19.14
C ALA B 137 -31.19 4.51 18.53
N ILE B 138 -29.88 4.79 18.59
CA ILE B 138 -28.84 3.91 18.08
C ILE B 138 -27.89 3.63 19.26
N ILE B 139 -27.75 2.37 19.61
CA ILE B 139 -26.88 1.99 20.72
C ILE B 139 -25.55 1.51 20.14
N ALA B 140 -24.49 2.27 20.43
CA ALA B 140 -23.15 1.93 19.96
C ALA B 140 -22.22 2.00 21.15
N THR B 141 -22.51 1.19 22.17
CA THR B 141 -21.76 1.17 23.41
C THR B 141 -20.38 0.50 23.41
N GLY B 142 -20.06 -0.20 22.33
CA GLY B 142 -18.75 -0.82 22.22
C GLY B 142 -18.47 -2.00 23.12
N SER B 143 -17.21 -2.22 23.45
CA SER B 143 -16.84 -3.35 24.29
C SER B 143 -15.78 -2.97 25.30
N ARG B 144 -15.38 -3.94 26.10
CA ARG B 144 -14.37 -3.72 27.12
C ARG B 144 -13.60 -5.02 27.39
N PRO B 145 -12.41 -4.93 28.00
CA PRO B 145 -11.58 -6.10 28.29
C PRO B 145 -12.21 -7.14 29.23
N ILE B 146 -11.85 -8.40 29.01
CA ILE B 146 -12.30 -9.51 29.83
C ILE B 146 -11.26 -9.56 30.94
N GLU B 147 -11.71 -9.64 32.20
CA GLU B 147 -10.78 -9.76 33.32
C GLU B 147 -10.71 -11.25 33.65
N LEU B 148 -9.53 -11.83 33.55
CA LEU B 148 -9.34 -13.26 33.83
C LEU B 148 -9.55 -13.48 35.33
N PRO B 149 -10.18 -14.63 35.70
CA PRO B 149 -10.49 -15.04 37.08
C PRO B 149 -9.48 -14.72 38.16
N ASN B 150 -8.26 -15.22 38.05
CA ASN B 150 -7.27 -14.92 39.09
C ASN B 150 -6.26 -13.82 38.73
N PHE B 151 -6.60 -13.04 37.72
CA PHE B 151 -5.75 -11.95 37.25
C PHE B 151 -6.51 -10.63 37.39
N LYS B 152 -6.67 -10.19 38.64
CA LYS B 152 -7.38 -8.95 38.90
C LYS B 152 -6.54 -7.76 38.47
N PHE B 153 -7.09 -6.98 37.55
CA PHE B 153 -6.42 -5.81 37.05
C PHE B 153 -5.99 -4.84 38.15
N SER B 154 -4.80 -4.29 37.96
CA SER B 154 -4.21 -3.35 38.89
C SER B 154 -3.16 -2.61 38.07
N ASN B 155 -2.33 -1.82 38.73
CA ASN B 155 -1.29 -1.09 38.00
C ASN B 155 -0.16 -2.01 37.52
N ARG B 156 -0.20 -3.28 37.89
CA ARG B 156 0.82 -4.24 37.44
C ARG B 156 0.24 -5.36 36.59
N ILE B 157 -1.08 -5.55 36.69
CA ILE B 157 -1.76 -6.55 35.88
C ILE B 157 -2.66 -5.69 35.00
N LEU B 158 -2.10 -5.37 33.84
CA LEU B 158 -2.70 -4.50 32.84
C LEU B 158 -3.65 -5.09 31.82
N ASP B 159 -4.41 -4.20 31.22
CA ASP B 159 -5.30 -4.52 30.13
C ASP B 159 -4.64 -3.71 29.01
N SER B 160 -5.03 -3.91 27.75
CA SER B 160 -4.42 -3.18 26.63
C SER B 160 -4.16 -1.71 26.96
N THR B 161 -5.19 -1.04 27.49
CA THR B 161 -5.10 0.36 27.88
C THR B 161 -3.99 0.64 28.88
N GLY B 162 -3.79 -0.28 29.82
CA GLY B 162 -2.76 -0.08 30.82
C GLY B 162 -1.38 -0.10 30.18
N ALA B 163 -1.17 -0.98 29.20
CA ALA B 163 0.12 -1.09 28.52
C ALA B 163 0.39 0.12 27.63
N LEU B 164 -0.65 0.64 27.00
CA LEU B 164 -0.49 1.80 26.14
C LEU B 164 -0.09 3.04 26.93
N ASN B 165 -0.38 3.06 28.23
CA ASN B 165 -0.04 4.22 29.04
C ASN B 165 1.13 4.03 29.98
N LEU B 166 1.90 2.97 29.78
CA LEU B 166 3.04 2.73 30.64
C LEU B 166 3.98 3.93 30.62
N GLY B 167 4.45 4.32 31.79
CA GLY B 167 5.34 5.46 31.89
C GLY B 167 6.76 5.18 31.48
N GLU B 168 7.12 3.91 31.40
CA GLU B 168 8.46 3.54 31.04
C GLU B 168 8.49 2.19 30.37
N VAL B 169 9.61 1.88 29.74
CA VAL B 169 9.76 0.60 29.07
C VAL B 169 10.07 -0.44 30.14
N PRO B 170 9.14 -1.38 30.36
CA PRO B 170 9.27 -2.45 31.35
C PRO B 170 10.51 -3.31 31.14
N LYS B 171 11.11 -3.78 32.22
CA LYS B 171 12.28 -4.63 32.09
C LYS B 171 11.79 -5.94 31.48
N SER B 172 10.60 -6.36 31.87
CA SER B 172 10.03 -7.60 31.35
C SER B 172 8.52 -7.53 31.44
N LEU B 173 7.87 -8.17 30.46
CA LEU B 173 6.42 -8.19 30.38
C LEU B 173 5.93 -9.60 29.98
N VAL B 174 4.87 -10.08 30.64
CA VAL B 174 4.29 -11.38 30.29
C VAL B 174 2.94 -11.09 29.65
N VAL B 175 2.77 -11.48 28.38
CA VAL B 175 1.53 -11.26 27.64
C VAL B 175 0.67 -12.53 27.63
N ILE B 176 -0.51 -12.45 28.25
CA ILE B 176 -1.42 -13.58 28.29
C ILE B 176 -2.47 -13.41 27.20
N GLY B 177 -2.30 -14.14 26.10
CA GLY B 177 -3.25 -14.04 25.00
C GLY B 177 -2.55 -13.65 23.73
N GLY B 178 -2.27 -14.62 22.87
CA GLY B 178 -1.60 -14.33 21.61
C GLY B 178 -2.48 -13.90 20.44
N GLY B 179 -3.31 -12.89 20.61
CA GLY B 179 -4.17 -12.42 19.53
C GLY B 179 -3.54 -11.18 18.90
N TYR B 180 -4.23 -10.52 17.96
CA TYR B 180 -3.62 -9.34 17.34
C TYR B 180 -3.21 -8.30 18.37
N ILE B 181 -4.09 -8.01 19.33
CA ILE B 181 -3.76 -7.04 20.36
C ILE B 181 -2.57 -7.53 21.19
N GLY B 182 -2.57 -8.81 21.55
CA GLY B 182 -1.47 -9.33 22.34
C GLY B 182 -0.16 -9.36 21.58
N ILE B 183 -0.23 -9.69 20.29
CA ILE B 183 0.94 -9.74 19.44
C ILE B 183 1.48 -8.35 19.11
N GLU B 184 0.59 -7.37 18.91
CA GLU B 184 0.99 -6.00 18.59
C GLU B 184 1.69 -5.31 19.77
N LEU B 185 1.06 -5.33 20.94
CA LEU B 185 1.65 -4.70 22.12
C LEU B 185 2.88 -5.46 22.59
N GLY B 186 2.88 -6.78 22.41
CA GLY B 186 4.01 -7.58 22.81
C GLY B 186 5.22 -7.27 21.95
N THR B 187 5.03 -7.22 20.62
CA THR B 187 6.11 -6.94 19.68
C THR B 187 6.68 -5.52 19.88
N ALA B 188 5.80 -4.55 20.04
CA ALA B 188 6.23 -3.18 20.23
C ALA B 188 7.20 -3.14 21.40
N TYR B 189 6.78 -3.65 22.56
CA TYR B 189 7.69 -3.64 23.70
C TYR B 189 8.92 -4.50 23.46
N ALA B 190 8.79 -5.53 22.64
CA ALA B 190 9.93 -6.37 22.33
C ALA B 190 10.91 -5.51 21.52
N ASN B 191 10.37 -4.58 20.74
CA ASN B 191 11.20 -3.68 19.95
C ASN B 191 11.96 -2.70 20.84
N PHE B 192 11.30 -2.20 21.89
CA PHE B 192 11.93 -1.25 22.80
C PHE B 192 12.98 -1.87 23.70
N GLY B 193 13.05 -3.21 23.72
CA GLY B 193 14.02 -3.88 24.55
C GLY B 193 13.52 -4.74 25.69
N THR B 194 12.21 -4.75 25.93
CA THR B 194 11.62 -5.55 27.02
C THR B 194 11.69 -7.08 26.82
N LYS B 195 11.91 -7.83 27.89
CA LYS B 195 11.94 -9.28 27.79
C LYS B 195 10.45 -9.65 27.78
N VAL B 196 9.97 -10.14 26.65
CA VAL B 196 8.56 -10.49 26.51
C VAL B 196 8.30 -11.98 26.37
N THR B 197 7.31 -12.48 27.13
CA THR B 197 6.93 -13.87 27.08
C THR B 197 5.46 -13.87 26.77
N ILE B 198 5.06 -14.61 25.73
CA ILE B 198 3.67 -14.68 25.34
C ILE B 198 3.15 -16.06 25.72
N LEU B 199 1.98 -16.09 26.35
CA LEU B 199 1.38 -17.35 26.74
C LEU B 199 0.03 -17.48 26.04
N GLU B 200 -0.06 -18.38 25.05
CA GLU B 200 -1.32 -18.60 24.35
C GLU B 200 -1.87 -19.97 24.74
N GLY B 201 -3.15 -20.00 25.05
CA GLY B 201 -3.81 -21.23 25.44
C GLY B 201 -3.96 -22.21 24.30
N ALA B 202 -4.19 -21.66 23.10
CA ALA B 202 -4.34 -22.47 21.90
C ALA B 202 -3.00 -23.03 21.47
N GLY B 203 -3.01 -23.75 20.36
CA GLY B 203 -1.80 -24.34 19.84
C GLY B 203 -0.97 -23.37 19.02
N GLU B 204 -1.61 -22.28 18.58
CA GLU B 204 -0.91 -21.29 17.78
C GLU B 204 -1.43 -19.88 18.04
N ILE B 205 -0.51 -18.92 18.02
CA ILE B 205 -0.85 -17.51 18.21
C ILE B 205 -1.55 -17.08 16.93
N LEU B 206 -2.19 -15.92 16.96
CA LEU B 206 -2.91 -15.39 15.80
C LEU B 206 -3.88 -16.45 15.28
N SER B 207 -4.72 -16.94 16.19
CA SER B 207 -5.70 -17.97 15.91
C SER B 207 -6.52 -17.82 14.63
N GLY B 208 -6.98 -16.61 14.33
CA GLY B 208 -7.77 -16.41 13.12
C GLY B 208 -7.03 -16.29 11.80
N PHE B 209 -5.72 -16.57 11.79
CA PHE B 209 -4.94 -16.47 10.56
C PHE B 209 -4.24 -17.79 10.25
N GLU B 210 -3.86 -17.97 9.00
CA GLU B 210 -3.19 -19.19 8.57
C GLU B 210 -1.99 -19.50 9.45
N LYS B 211 -1.78 -20.78 9.70
CA LYS B 211 -0.65 -21.23 10.53
C LYS B 211 0.67 -20.84 9.89
N GLN B 212 0.69 -20.78 8.56
CA GLN B 212 1.90 -20.39 7.85
C GLN B 212 2.29 -18.96 8.21
N MET B 213 1.31 -18.06 8.16
CA MET B 213 1.54 -16.65 8.47
C MET B 213 2.08 -16.51 9.88
N ALA B 214 1.44 -17.20 10.82
CA ALA B 214 1.86 -17.16 12.22
C ALA B 214 3.28 -17.69 12.38
N ALA B 215 3.61 -18.76 11.67
CA ALA B 215 4.93 -19.39 11.75
C ALA B 215 6.04 -18.38 11.49
N ILE B 216 5.81 -17.52 10.49
CA ILE B 216 6.77 -16.49 10.11
C ILE B 216 6.87 -15.42 11.21
N ILE B 217 5.71 -14.97 11.69
CA ILE B 217 5.66 -13.97 12.74
C ILE B 217 6.32 -14.45 14.01
N LYS B 218 6.15 -15.74 14.32
CA LYS B 218 6.72 -16.34 15.51
C LYS B 218 8.24 -16.44 15.38
N LYS B 219 8.67 -16.84 14.18
CA LYS B 219 10.08 -16.99 13.86
C LYS B 219 10.84 -15.67 14.07
N ARG B 220 10.18 -14.55 13.81
CA ARG B 220 10.81 -13.25 14.01
C ARG B 220 10.76 -12.85 15.48
N LEU B 221 9.73 -13.30 16.19
CA LEU B 221 9.61 -13.00 17.61
C LEU B 221 10.79 -13.70 18.29
N LYS B 222 11.00 -14.96 17.93
CA LYS B 222 12.10 -15.74 18.48
C LYS B 222 13.42 -15.01 18.24
N LYS B 223 13.61 -14.48 17.03
CA LYS B 223 14.83 -13.75 16.69
C LYS B 223 15.02 -12.60 17.68
N LYS B 224 13.91 -12.00 18.08
CA LYS B 224 13.94 -10.88 19.02
C LYS B 224 14.13 -11.28 20.48
N GLY B 225 14.11 -12.57 20.78
CA GLY B 225 14.27 -13.00 22.16
C GLY B 225 12.93 -13.10 22.88
N VAL B 226 11.86 -13.25 22.10
CA VAL B 226 10.53 -13.38 22.64
C VAL B 226 10.27 -14.88 22.82
N GLU B 227 9.81 -15.27 23.99
CA GLU B 227 9.54 -16.67 24.23
C GLU B 227 8.04 -16.85 24.09
N VAL B 228 7.63 -17.65 23.11
CA VAL B 228 6.22 -17.90 22.90
C VAL B 228 5.85 -19.28 23.41
N VAL B 229 5.01 -19.32 24.45
CA VAL B 229 4.57 -20.56 25.06
C VAL B 229 3.11 -20.84 24.65
N THR B 230 2.93 -21.74 23.70
CA THR B 230 1.60 -22.11 23.22
C THR B 230 1.06 -23.28 24.06
N ASN B 231 -0.24 -23.55 23.95
CA ASN B 231 -0.88 -24.63 24.70
C ASN B 231 -0.61 -24.48 26.19
N ALA B 232 -0.56 -23.24 26.64
CA ALA B 232 -0.30 -22.95 28.04
C ALA B 232 -1.61 -22.55 28.70
N LEU B 233 -1.74 -22.84 29.98
CA LEU B 233 -2.94 -22.49 30.72
C LEU B 233 -2.48 -21.58 31.85
N ALA B 234 -2.90 -20.32 31.81
CA ALA B 234 -2.51 -19.36 32.83
C ALA B 234 -3.41 -19.59 34.02
N LYS B 235 -2.81 -19.79 35.19
CA LYS B 235 -3.60 -20.05 36.38
C LYS B 235 -3.79 -18.89 37.33
N GLY B 236 -2.79 -18.02 37.44
CA GLY B 236 -2.94 -16.89 38.34
C GLY B 236 -1.71 -16.03 38.43
N ALA B 237 -1.88 -14.87 39.05
CA ALA B 237 -0.78 -13.95 39.22
C ALA B 237 -0.81 -13.37 40.61
N GLU B 238 0.36 -13.32 41.25
CA GLU B 238 0.45 -12.74 42.58
C GLU B 238 1.28 -11.48 42.41
N GLU B 239 0.69 -10.32 42.70
CA GLU B 239 1.45 -9.09 42.57
C GLU B 239 2.38 -9.06 43.77
N ARG B 240 3.68 -9.22 43.50
CA ARG B 240 4.70 -9.22 44.53
C ARG B 240 4.87 -7.84 45.13
N GLU B 241 4.04 -6.89 44.69
CA GLU B 241 4.09 -5.50 45.16
C GLU B 241 5.38 -4.82 44.68
N ASP B 242 5.98 -5.39 43.65
CA ASP B 242 7.22 -4.90 43.05
C ASP B 242 7.48 -5.62 41.72
N GLY B 243 6.50 -6.41 41.32
CA GLY B 243 6.57 -7.19 40.11
C GLY B 243 5.46 -8.20 40.26
N VAL B 244 5.35 -9.15 39.34
CA VAL B 244 4.29 -10.13 39.42
C VAL B 244 4.79 -11.53 39.11
N THR B 245 4.26 -12.52 39.82
CA THR B 245 4.60 -13.92 39.60
C THR B 245 3.40 -14.51 38.90
N VAL B 246 3.61 -15.05 37.71
CA VAL B 246 2.54 -15.67 36.97
C VAL B 246 2.76 -17.17 36.99
N THR B 247 1.71 -17.93 37.30
CA THR B 247 1.82 -19.37 37.31
C THR B 247 0.96 -19.89 36.18
N TYR B 248 1.53 -20.77 35.37
CA TYR B 248 0.79 -21.35 34.26
C TYR B 248 1.15 -22.81 34.16
N GLU B 249 0.20 -23.60 33.69
CA GLU B 249 0.43 -25.02 33.50
C GLU B 249 0.69 -25.15 32.00
N ALA B 250 1.52 -26.11 31.62
CA ALA B 250 1.85 -26.36 30.23
C ALA B 250 2.51 -27.72 30.15
N ASN B 251 1.94 -28.61 29.33
CA ASN B 251 2.46 -29.97 29.15
C ASN B 251 2.61 -30.66 30.51
N GLY B 252 1.56 -30.54 31.32
CA GLY B 252 1.58 -31.14 32.64
C GLY B 252 2.30 -30.23 33.60
N GLU B 253 3.49 -29.79 33.20
CA GLU B 253 4.31 -28.90 34.03
C GLU B 253 3.58 -27.64 34.50
N THR B 254 3.77 -27.31 35.77
CA THR B 254 3.19 -26.15 36.40
C THR B 254 4.38 -25.24 36.72
N LYS B 255 4.55 -24.18 35.95
CA LYS B 255 5.67 -23.28 36.17
C LYS B 255 5.24 -21.86 36.54
N THR B 256 6.18 -21.10 37.09
CA THR B 256 5.94 -19.73 37.50
C THR B 256 6.97 -18.83 36.84
N ILE B 257 6.57 -17.60 36.51
CA ILE B 257 7.48 -16.65 35.87
C ILE B 257 7.31 -15.24 36.45
N ASP B 258 8.43 -14.61 36.76
CA ASP B 258 8.41 -13.27 37.32
C ASP B 258 8.54 -12.24 36.21
N ALA B 259 7.80 -11.15 36.35
CA ALA B 259 7.83 -10.07 35.37
C ALA B 259 7.53 -8.75 36.06
N ASP B 260 7.93 -7.64 35.44
CA ASP B 260 7.64 -6.35 36.03
C ASP B 260 6.17 -6.05 35.92
N TYR B 261 5.55 -6.51 34.82
CA TYR B 261 4.12 -6.31 34.60
C TYR B 261 3.57 -7.48 33.83
N VAL B 262 2.26 -7.65 33.88
CA VAL B 262 1.60 -8.72 33.13
C VAL B 262 0.49 -8.02 32.37
N LEU B 263 0.30 -8.42 31.11
CA LEU B 263 -0.70 -7.83 30.23
C LEU B 263 -1.72 -8.89 29.81
N VAL B 264 -2.95 -8.73 30.28
CA VAL B 264 -4.01 -9.67 29.97
C VAL B 264 -4.81 -9.22 28.76
N THR B 265 -4.67 -9.94 27.65
CA THR B 265 -5.40 -9.61 26.44
C THR B 265 -6.06 -10.87 25.88
N VAL B 266 -6.96 -11.44 26.67
CA VAL B 266 -7.68 -12.66 26.31
C VAL B 266 -8.97 -12.43 25.54
N GLY B 267 -9.53 -11.24 25.62
CA GLY B 267 -10.76 -10.98 24.89
C GLY B 267 -11.47 -9.72 25.36
N ARG B 268 -12.55 -9.37 24.68
CA ARG B 268 -13.33 -8.20 25.00
C ARG B 268 -14.79 -8.65 25.07
N ARG B 269 -15.54 -8.10 26.01
CA ARG B 269 -16.94 -8.43 26.19
C ARG B 269 -17.77 -7.21 25.82
N PRO B 270 -19.03 -7.40 25.37
CA PRO B 270 -19.94 -6.31 24.99
C PRO B 270 -20.39 -5.48 26.17
N ASN B 271 -20.58 -4.18 25.95
CA ASN B 271 -21.06 -3.27 27.00
C ASN B 271 -22.57 -3.17 26.92
N THR B 272 -23.23 -4.32 26.90
CA THR B 272 -24.68 -4.37 26.82
C THR B 272 -25.34 -4.64 28.18
N ASP B 273 -24.51 -4.88 29.20
CA ASP B 273 -25.02 -5.15 30.54
C ASP B 273 -25.25 -3.86 31.33
N GLU B 274 -26.22 -3.89 32.23
CA GLU B 274 -26.56 -2.74 33.06
C GLU B 274 -26.92 -1.52 32.22
N LEU B 275 -27.64 -1.76 31.13
CA LEU B 275 -28.08 -0.70 30.23
C LEU B 275 -29.60 -0.62 30.22
N GLY B 276 -30.25 -1.65 30.77
CA GLY B 276 -31.71 -1.68 30.83
C GLY B 276 -32.37 -2.34 29.62
N LEU B 277 -31.56 -2.75 28.64
CA LEU B 277 -32.06 -3.37 27.42
C LEU B 277 -32.96 -4.56 27.69
N GLU B 278 -32.61 -5.33 28.70
CA GLU B 278 -33.37 -6.51 29.08
C GLU B 278 -34.81 -6.18 29.45
N GLN B 279 -35.03 -5.04 30.11
CA GLN B 279 -36.37 -4.62 30.49
C GLN B 279 -37.10 -4.11 29.25
N ILE B 280 -36.40 -3.32 28.45
CA ILE B 280 -36.91 -2.73 27.21
C ILE B 280 -37.33 -3.78 26.16
N GLY B 281 -36.97 -5.03 26.40
CA GLY B 281 -37.34 -6.10 25.48
C GLY B 281 -36.38 -6.38 24.34
N ILE B 282 -35.20 -5.75 24.37
CA ILE B 282 -34.19 -5.94 23.33
C ILE B 282 -33.58 -7.33 23.39
N LYS B 283 -33.86 -8.15 22.40
CA LYS B 283 -33.34 -9.52 22.36
C LYS B 283 -31.82 -9.52 22.14
N MET B 284 -31.13 -10.31 22.97
CA MET B 284 -29.67 -10.44 22.89
C MET B 284 -29.34 -11.91 22.75
N THR B 285 -28.05 -12.24 22.89
CA THR B 285 -27.58 -13.61 22.82
C THR B 285 -27.04 -13.91 24.20
N ASN B 286 -26.72 -15.16 24.49
CA ASN B 286 -26.20 -15.51 25.81
C ASN B 286 -24.90 -14.75 26.12
N ARG B 287 -24.07 -14.55 25.11
CA ARG B 287 -22.81 -13.84 25.30
C ARG B 287 -23.03 -12.37 25.63
N GLY B 288 -24.12 -11.79 25.13
CA GLY B 288 -24.40 -10.40 25.38
C GLY B 288 -24.55 -9.58 24.11
N LEU B 289 -24.32 -10.21 22.97
CA LEU B 289 -24.45 -9.56 21.68
C LEU B 289 -25.91 -9.38 21.31
N ILE B 290 -26.25 -8.20 20.84
CA ILE B 290 -27.61 -7.89 20.46
C ILE B 290 -27.99 -8.51 19.13
N GLU B 291 -29.20 -9.06 19.05
CA GLU B 291 -29.72 -9.67 17.82
C GLU B 291 -30.11 -8.47 17.00
N VAL B 292 -29.71 -8.46 15.74
CA VAL B 292 -29.98 -7.33 14.87
C VAL B 292 -30.28 -7.83 13.46
N ASP B 293 -31.04 -7.05 12.68
CA ASP B 293 -31.36 -7.45 11.30
C ASP B 293 -30.47 -6.72 10.29
N GLN B 294 -30.76 -6.89 9.00
CA GLN B 294 -29.98 -6.25 7.95
C GLN B 294 -29.86 -4.73 7.99
N GLN B 295 -30.71 -4.06 8.77
CA GLN B 295 -30.65 -2.60 8.89
C GLN B 295 -30.25 -2.20 10.31
N CYS B 296 -29.59 -3.13 11.01
CA CYS B 296 -29.14 -2.94 12.37
C CYS B 296 -30.23 -2.56 13.35
N ARG B 297 -31.40 -3.14 13.15
CA ARG B 297 -32.55 -2.92 14.01
C ARG B 297 -32.59 -4.03 15.06
N THR B 298 -33.02 -3.67 16.27
CA THR B 298 -33.14 -4.62 17.36
C THR B 298 -34.59 -5.12 17.35
N SER B 299 -35.02 -5.71 18.46
CA SER B 299 -36.39 -6.20 18.57
C SER B 299 -37.32 -5.00 18.75
N VAL B 300 -36.79 -3.92 19.33
CA VAL B 300 -37.57 -2.71 19.51
C VAL B 300 -37.23 -1.90 18.26
N PRO B 301 -38.17 -1.82 17.29
CA PRO B 301 -38.09 -1.13 16.00
C PRO B 301 -37.43 0.25 15.95
N ASN B 302 -37.62 1.05 16.98
CA ASN B 302 -37.01 2.38 16.97
C ASN B 302 -35.64 2.36 17.62
N ILE B 303 -35.15 1.16 17.95
CA ILE B 303 -33.83 1.00 18.56
C ILE B 303 -32.92 0.18 17.65
N PHE B 304 -31.79 0.77 17.27
CA PHE B 304 -30.81 0.13 16.40
C PHE B 304 -29.54 -0.12 17.20
N ALA B 305 -28.75 -1.08 16.76
CA ALA B 305 -27.50 -1.42 17.45
C ALA B 305 -26.38 -1.65 16.45
N ILE B 306 -25.19 -1.14 16.75
CA ILE B 306 -24.04 -1.27 15.85
C ILE B 306 -22.74 -1.38 16.63
N GLY B 307 -21.69 -1.81 15.93
CA GLY B 307 -20.39 -1.89 16.56
C GLY B 307 -20.03 -3.23 17.14
N ASP B 308 -19.35 -3.19 18.28
CA ASP B 308 -18.90 -4.40 18.95
C ASP B 308 -20.02 -5.14 19.69
N ILE B 309 -21.15 -4.47 19.92
CA ILE B 309 -22.28 -5.10 20.62
C ILE B 309 -23.14 -6.00 19.76
N VAL B 310 -22.93 -5.94 18.44
CA VAL B 310 -23.65 -6.78 17.51
C VAL B 310 -22.67 -7.78 16.90
N PRO B 311 -23.16 -8.83 16.24
CA PRO B 311 -22.29 -9.84 15.63
C PRO B 311 -21.40 -9.32 14.50
N GLY B 312 -20.37 -10.10 14.19
CA GLY B 312 -19.44 -9.73 13.13
C GLY B 312 -18.05 -9.47 13.68
N PRO B 313 -17.09 -9.02 12.83
CA PRO B 313 -15.70 -8.73 13.24
C PRO B 313 -15.62 -7.48 14.11
N ALA B 314 -14.94 -7.59 15.24
CA ALA B 314 -14.76 -6.47 16.16
C ALA B 314 -13.79 -5.45 15.55
N LEU B 315 -14.28 -4.71 14.57
CA LEU B 315 -13.47 -3.73 13.86
C LEU B 315 -14.12 -2.35 13.73
N ALA B 316 -13.31 -1.30 13.88
CA ALA B 316 -13.77 0.09 13.79
C ALA B 316 -14.55 0.39 12.52
N HIS B 317 -14.15 -0.24 11.42
CA HIS B 317 -14.81 -0.02 10.12
C HIS B 317 -16.14 -0.73 10.00
N LYS B 318 -16.27 -1.89 10.63
CA LYS B 318 -17.52 -2.62 10.61
C LYS B 318 -18.51 -1.77 11.38
N ALA B 319 -18.02 -1.10 12.42
CA ALA B 319 -18.85 -0.21 13.24
C ALA B 319 -19.30 0.99 12.43
N SER B 320 -18.34 1.72 11.86
CA SER B 320 -18.64 2.91 11.05
C SER B 320 -19.62 2.64 9.91
N TYR B 321 -19.44 1.53 9.22
CA TYR B 321 -20.31 1.15 8.12
C TYR B 321 -21.74 1.02 8.60
N GLU B 322 -21.93 0.24 9.65
CA GLU B 322 -23.25 0.03 10.21
C GLU B 322 -23.81 1.38 10.67
N GLY B 323 -22.94 2.22 11.23
CA GLY B 323 -23.39 3.53 11.67
C GLY B 323 -24.15 4.25 10.58
N LYS B 324 -23.60 4.22 9.37
CA LYS B 324 -24.23 4.86 8.22
C LYS B 324 -25.53 4.16 7.91
N VAL B 325 -25.47 2.84 7.77
CA VAL B 325 -26.65 2.03 7.46
C VAL B 325 -27.82 2.37 8.40
N ALA B 326 -27.52 2.48 9.69
CA ALA B 326 -28.52 2.80 10.70
C ALA B 326 -29.23 4.11 10.41
N ALA B 327 -28.47 5.20 10.40
CA ALA B 327 -29.03 6.52 10.14
C ALA B 327 -29.85 6.55 8.85
N GLU B 328 -29.33 5.94 7.78
CA GLU B 328 -30.03 5.90 6.50
C GLU B 328 -31.37 5.20 6.64
N ALA B 329 -31.37 4.04 7.29
CA ALA B 329 -32.58 3.28 7.50
C ALA B 329 -33.56 4.09 8.34
N ILE B 330 -33.05 4.83 9.31
CA ILE B 330 -33.89 5.66 10.16
C ILE B 330 -34.61 6.69 9.28
N ALA B 331 -33.83 7.33 8.41
CA ALA B 331 -34.32 8.36 7.51
C ALA B 331 -35.38 7.90 6.53
N GLY B 332 -35.31 6.64 6.14
CA GLY B 332 -36.27 6.12 5.19
C GLY B 332 -35.49 5.38 4.13
N HIS B 333 -34.26 5.83 3.91
CA HIS B 333 -33.34 5.25 2.93
C HIS B 333 -33.44 3.73 3.09
N PRO B 334 -33.70 3.00 2.00
CA PRO B 334 -33.81 1.54 2.05
C PRO B 334 -32.44 0.87 2.24
N SER B 335 -31.63 1.43 3.13
CA SER B 335 -30.30 0.92 3.41
C SER B 335 -30.30 -0.47 4.02
N ALA B 336 -29.19 -1.17 3.84
CA ALA B 336 -29.04 -2.53 4.36
C ALA B 336 -27.55 -2.81 4.48
N VAL B 337 -27.20 -3.83 5.25
CA VAL B 337 -25.79 -4.20 5.41
C VAL B 337 -25.44 -5.12 4.25
N ASP B 338 -24.62 -4.62 3.34
CA ASP B 338 -24.22 -5.40 2.18
C ASP B 338 -22.74 -5.28 1.81
N TYR B 339 -21.95 -6.23 2.26
CA TYR B 339 -20.55 -6.26 1.94
C TYR B 339 -20.17 -7.71 1.83
N VAL B 340 -19.23 -8.03 0.94
CA VAL B 340 -18.85 -9.42 0.77
C VAL B 340 -17.69 -9.79 1.67
N ALA B 341 -17.04 -8.79 2.26
CA ALA B 341 -15.89 -9.04 3.14
C ALA B 341 -15.36 -7.77 3.74
N ILE B 342 -14.58 -7.93 4.81
CA ILE B 342 -13.94 -6.82 5.49
C ILE B 342 -12.52 -7.29 5.73
N PRO B 343 -11.54 -6.42 5.43
CA PRO B 343 -10.12 -6.73 5.60
C PRO B 343 -9.72 -6.55 7.06
N ALA B 344 -8.82 -7.42 7.53
CA ALA B 344 -8.32 -7.37 8.89
C ALA B 344 -6.81 -7.29 8.76
N VAL B 345 -6.20 -6.35 9.48
CA VAL B 345 -4.75 -6.17 9.43
C VAL B 345 -4.15 -6.25 10.82
N VAL B 346 -2.97 -6.85 10.90
CA VAL B 346 -2.24 -7.00 12.16
C VAL B 346 -0.88 -6.36 11.96
N PHE B 347 -0.54 -5.43 12.83
CA PHE B 347 0.74 -4.76 12.74
C PHE B 347 1.86 -5.46 13.51
N SER B 348 2.16 -6.68 13.08
CA SER B 348 3.22 -7.52 13.65
C SER B 348 4.46 -7.13 12.85
N ASP B 349 5.68 -7.60 13.19
CA ASP B 349 6.88 -7.20 12.41
C ASP B 349 6.53 -7.44 10.95
N PRO B 350 6.45 -8.71 10.51
CA PRO B 350 6.06 -8.69 9.09
C PRO B 350 4.55 -8.46 9.29
N GLU B 351 4.05 -7.29 8.89
CA GLU B 351 2.64 -7.03 9.06
C GLU B 351 1.85 -7.97 8.19
N CYS B 352 0.64 -8.30 8.62
CA CYS B 352 -0.19 -9.21 7.85
C CYS B 352 -1.59 -8.69 7.67
N ALA B 353 -2.22 -9.08 6.56
CA ALA B 353 -3.57 -8.64 6.27
C ALA B 353 -4.34 -9.78 5.62
N SER B 354 -5.63 -9.86 5.95
CA SER B 354 -6.47 -10.90 5.38
C SER B 354 -7.85 -10.34 5.03
N VAL B 355 -8.47 -10.95 4.03
CA VAL B 355 -9.80 -10.54 3.57
C VAL B 355 -10.41 -11.74 2.83
N GLY B 356 -11.70 -11.95 3.02
CA GLY B 356 -12.34 -13.07 2.35
C GLY B 356 -12.06 -14.37 3.07
N TYR B 357 -12.09 -15.49 2.35
CA TYR B 357 -11.86 -16.80 2.94
C TYR B 357 -10.42 -17.23 2.96
N PHE B 358 -10.07 -18.04 3.94
CA PHE B 358 -8.73 -18.61 4.02
C PHE B 358 -8.94 -19.89 3.21
N GLU B 359 -7.89 -20.34 2.52
CA GLU B 359 -8.00 -21.55 1.68
C GLU B 359 -8.81 -22.65 2.34
N GLN B 360 -8.49 -22.94 3.60
CA GLN B 360 -9.17 -24.00 4.36
C GLN B 360 -10.67 -23.74 4.51
N GLN B 361 -11.02 -22.59 5.07
CA GLN B 361 -12.40 -22.19 5.28
C GLN B 361 -13.24 -22.37 4.01
N ALA B 362 -12.61 -22.11 2.87
CA ALA B 362 -13.26 -22.23 1.58
C ALA B 362 -13.72 -23.66 1.34
N LYS B 363 -12.77 -24.60 1.36
CA LYS B 363 -13.11 -25.99 1.14
C LYS B 363 -14.01 -26.57 2.21
N ASP B 364 -13.83 -26.14 3.45
CA ASP B 364 -14.68 -26.61 4.54
C ASP B 364 -16.09 -26.09 4.33
N GLU B 365 -16.21 -25.03 3.54
CA GLU B 365 -17.50 -24.44 3.23
C GLU B 365 -18.16 -25.24 2.10
N GLY B 366 -17.37 -26.15 1.51
CA GLY B 366 -17.86 -26.99 0.43
C GLY B 366 -17.65 -26.28 -0.90
N ILE B 367 -16.52 -25.61 -1.05
CA ILE B 367 -16.22 -24.88 -2.27
C ILE B 367 -14.94 -25.38 -2.94
N ASP B 368 -15.01 -25.64 -4.24
CA ASP B 368 -13.81 -26.06 -4.97
C ASP B 368 -13.03 -24.79 -5.29
N VAL B 369 -11.95 -24.60 -4.55
CA VAL B 369 -11.12 -23.40 -4.63
C VAL B 369 -9.65 -23.74 -4.86
N ILE B 370 -9.00 -22.97 -5.72
CA ILE B 370 -7.58 -23.15 -5.97
C ILE B 370 -6.89 -22.03 -5.19
N ALA B 371 -5.64 -22.23 -4.80
CA ALA B 371 -4.92 -21.20 -4.06
C ALA B 371 -3.53 -20.93 -4.62
N ALA B 372 -3.30 -19.68 -5.01
CA ALA B 372 -2.01 -19.28 -5.56
C ALA B 372 -1.19 -18.58 -4.47
N LYS B 373 0.06 -18.96 -4.31
CA LYS B 373 0.91 -18.36 -3.30
C LYS B 373 2.17 -17.83 -3.98
N PHE B 374 2.41 -16.53 -3.86
CA PHE B 374 3.59 -15.89 -4.45
C PHE B 374 4.46 -15.22 -3.37
N PRO B 375 5.77 -15.51 -3.37
CA PRO B 375 6.76 -14.98 -2.42
C PRO B 375 7.34 -13.60 -2.71
N PHE B 376 7.58 -12.85 -1.64
CA PHE B 376 8.17 -11.51 -1.73
C PHE B 376 9.66 -11.68 -2.06
N ALA B 377 10.20 -12.86 -1.79
CA ALA B 377 11.61 -13.14 -2.06
C ALA B 377 11.96 -12.97 -3.52
N ALA B 378 10.93 -13.01 -4.36
CA ALA B 378 11.08 -12.88 -5.80
C ALA B 378 10.96 -11.43 -6.28
N ASN B 379 10.11 -10.68 -5.60
CA ASN B 379 9.84 -9.29 -5.93
C ASN B 379 11.05 -8.36 -5.73
N GLY B 380 11.32 -7.52 -6.72
CA GLY B 380 12.45 -6.60 -6.68
C GLY B 380 12.46 -5.55 -5.58
N ARG B 381 11.31 -4.95 -5.31
CA ARG B 381 11.18 -3.93 -4.27
C ARG B 381 11.41 -4.52 -2.88
N ALA B 382 10.90 -5.73 -2.66
CA ALA B 382 11.06 -6.43 -1.38
C ALA B 382 12.55 -6.63 -1.12
N LEU B 383 13.29 -6.95 -2.18
CA LEU B 383 14.74 -7.14 -2.11
C LEU B 383 15.44 -5.84 -1.73
N ALA B 384 14.92 -4.72 -2.25
CA ALA B 384 15.44 -3.39 -1.96
C ALA B 384 15.17 -3.01 -0.52
N LEU B 385 13.99 -3.40 -0.04
CA LEU B 385 13.56 -3.13 1.33
C LEU B 385 14.34 -4.04 2.28
N ASN B 386 14.83 -5.14 1.70
CA ASN B 386 15.59 -6.15 2.41
C ASN B 386 14.75 -6.85 3.50
N ASP B 387 13.49 -7.08 3.18
CA ASP B 387 12.55 -7.78 4.04
C ASP B 387 11.93 -8.70 3.00
N THR B 388 12.42 -9.93 2.95
CA THR B 388 11.94 -10.86 1.95
C THR B 388 11.12 -12.03 2.51
N ASP B 389 10.88 -12.00 3.81
CA ASP B 389 10.07 -13.04 4.46
C ASP B 389 8.63 -12.59 4.24
N GLY B 390 7.85 -13.41 3.55
CA GLY B 390 6.46 -13.04 3.31
C GLY B 390 5.90 -13.59 2.02
N PHE B 391 4.60 -13.45 1.82
CA PHE B 391 3.96 -13.94 0.60
C PHE B 391 2.54 -13.40 0.45
N LEU B 392 1.98 -13.65 -0.71
CA LEU B 392 0.61 -13.25 -1.02
C LEU B 392 -0.08 -14.53 -1.42
N LYS B 393 -1.33 -14.72 -0.99
CA LYS B 393 -2.09 -15.92 -1.33
C LYS B 393 -3.46 -15.51 -1.84
N LEU B 394 -3.86 -16.10 -2.96
CA LEU B 394 -5.15 -15.83 -3.58
C LEU B 394 -6.00 -17.08 -3.55
N VAL B 395 -7.16 -16.99 -2.91
CA VAL B 395 -8.09 -18.11 -2.83
C VAL B 395 -9.11 -17.83 -3.93
N VAL B 396 -9.05 -18.63 -5.00
CA VAL B 396 -9.90 -18.46 -6.18
C VAL B 396 -10.92 -19.61 -6.39
N ARG B 397 -12.18 -19.25 -6.66
CA ARG B 397 -13.21 -20.25 -6.93
C ARG B 397 -12.88 -20.91 -8.25
N LYS B 398 -12.47 -22.17 -8.21
CA LYS B 398 -12.11 -22.90 -9.42
C LYS B 398 -13.19 -22.83 -10.50
N GLU B 399 -14.44 -22.89 -10.10
CA GLU B 399 -15.55 -22.87 -11.06
C GLU B 399 -15.82 -21.59 -11.86
N ASP B 400 -15.15 -20.49 -11.55
CA ASP B 400 -15.35 -19.24 -12.30
C ASP B 400 -14.22 -18.22 -12.18
N GLY B 401 -13.09 -18.65 -11.62
CA GLY B 401 -11.95 -17.77 -11.46
C GLY B 401 -12.19 -16.54 -10.60
N VAL B 402 -13.30 -16.54 -9.87
CA VAL B 402 -13.65 -15.43 -9.01
C VAL B 402 -12.91 -15.52 -7.68
N ILE B 403 -12.16 -14.46 -7.37
CA ILE B 403 -11.38 -14.39 -6.14
C ILE B 403 -12.31 -14.21 -4.97
N ILE B 404 -12.13 -15.02 -3.93
CA ILE B 404 -12.99 -14.94 -2.76
C ILE B 404 -12.25 -14.65 -1.44
N GLY B 405 -10.92 -14.76 -1.47
CA GLY B 405 -10.13 -14.51 -0.28
C GLY B 405 -8.68 -14.23 -0.64
N ALA B 406 -7.98 -13.49 0.20
CA ALA B 406 -6.58 -13.15 -0.05
C ALA B 406 -5.86 -12.87 1.27
N GLN B 407 -4.61 -13.33 1.35
CA GLN B 407 -3.80 -13.14 2.54
C GLN B 407 -2.41 -12.68 2.15
N ILE B 408 -1.93 -11.63 2.81
CA ILE B 408 -0.62 -11.12 2.51
C ILE B 408 0.12 -11.00 3.81
N ILE B 409 1.37 -11.45 3.81
CA ILE B 409 2.23 -11.38 4.97
C ILE B 409 3.52 -10.80 4.39
N GLY B 410 3.91 -9.63 4.89
CA GLY B 410 5.12 -8.98 4.41
C GLY B 410 4.97 -7.47 4.52
N PRO B 411 6.01 -6.69 4.17
CA PRO B 411 5.95 -5.22 4.26
C PRO B 411 4.79 -4.58 3.49
N ASN B 412 4.10 -3.67 4.15
CA ASN B 412 2.98 -2.94 3.54
C ASN B 412 1.77 -3.78 3.18
N ALA B 413 1.65 -4.94 3.82
CA ALA B 413 0.52 -5.83 3.57
C ALA B 413 -0.80 -5.10 3.86
N SER B 414 -0.79 -4.21 4.86
CA SER B 414 -1.98 -3.46 5.22
C SER B 414 -2.47 -2.52 4.11
N ASP B 415 -1.54 -2.07 3.27
CA ASP B 415 -1.88 -1.17 2.18
C ASP B 415 -2.13 -1.95 0.88
N MET B 416 -1.40 -3.04 0.69
CA MET B 416 -1.57 -3.87 -0.50
C MET B 416 -2.90 -4.63 -0.43
N ILE B 417 -3.43 -4.81 0.77
CA ILE B 417 -4.67 -5.54 0.94
C ILE B 417 -5.82 -4.87 0.19
N ALA B 418 -5.86 -3.54 0.21
CA ALA B 418 -6.93 -2.78 -0.43
C ALA B 418 -7.28 -3.22 -1.85
N GLU B 419 -6.28 -3.45 -2.68
CA GLU B 419 -6.55 -3.87 -4.06
C GLU B 419 -7.35 -5.16 -4.09
N LEU B 420 -6.81 -6.19 -3.44
CA LEU B 420 -7.45 -7.49 -3.38
C LEU B 420 -8.84 -7.36 -2.79
N GLY B 421 -8.98 -6.48 -1.81
CA GLY B 421 -10.27 -6.27 -1.18
C GLY B 421 -11.31 -5.74 -2.16
N LEU B 422 -10.95 -4.70 -2.90
CA LEU B 422 -11.85 -4.10 -3.89
C LEU B 422 -12.24 -5.16 -4.91
N ALA B 423 -11.29 -6.04 -5.23
CA ALA B 423 -11.55 -7.10 -6.20
C ALA B 423 -12.62 -8.06 -5.69
N ILE B 424 -12.47 -8.52 -4.45
CA ILE B 424 -13.43 -9.44 -3.83
C ILE B 424 -14.82 -8.81 -3.83
N GLU B 425 -14.90 -7.64 -3.21
CA GLU B 425 -16.16 -6.92 -3.10
C GLU B 425 -16.91 -6.76 -4.42
N ALA B 426 -16.20 -6.58 -5.52
CA ALA B 426 -16.86 -6.40 -6.80
C ALA B 426 -17.00 -7.69 -7.61
N GLY B 427 -16.47 -8.78 -7.08
CA GLY B 427 -16.55 -10.06 -7.79
C GLY B 427 -15.70 -10.16 -9.03
N MET B 428 -14.43 -9.78 -8.93
CA MET B 428 -13.50 -9.86 -10.04
C MET B 428 -12.75 -11.18 -10.06
N THR B 429 -12.12 -11.48 -11.19
CA THR B 429 -11.39 -12.73 -11.34
C THR B 429 -9.87 -12.55 -11.35
N ALA B 430 -9.17 -13.68 -11.22
CA ALA B 430 -7.71 -13.68 -11.23
C ALA B 430 -7.20 -13.03 -12.52
N GLU B 431 -7.95 -13.21 -13.60
CA GLU B 431 -7.60 -12.65 -14.90
C GLU B 431 -7.76 -11.14 -14.90
N ASP B 432 -8.81 -10.67 -14.23
CA ASP B 432 -9.08 -9.24 -14.13
C ASP B 432 -7.88 -8.53 -13.55
N ILE B 433 -7.31 -9.12 -12.51
CA ILE B 433 -6.14 -8.54 -11.85
C ILE B 433 -4.86 -8.77 -12.69
N ALA B 434 -4.68 -9.98 -13.21
CA ALA B 434 -3.51 -10.32 -14.01
C ALA B 434 -3.40 -9.51 -15.30
N LEU B 435 -4.53 -9.03 -15.80
CA LEU B 435 -4.54 -8.25 -17.03
C LEU B 435 -4.38 -6.75 -16.77
N THR B 436 -4.26 -6.41 -15.49
CA THR B 436 -4.08 -5.04 -15.07
C THR B 436 -2.56 -4.80 -14.91
N ILE B 437 -2.02 -3.79 -15.58
CA ILE B 437 -0.58 -3.49 -15.48
C ILE B 437 -0.33 -2.76 -14.16
N HIS B 438 0.54 -3.33 -13.34
CA HIS B 438 0.87 -2.73 -12.04
C HIS B 438 2.15 -1.90 -12.14
N ALA B 439 2.54 -1.25 -11.06
CA ALA B 439 3.76 -0.47 -11.06
C ALA B 439 4.93 -1.41 -10.85
N HIS B 440 6.10 -1.04 -11.34
CA HIS B 440 7.33 -1.83 -11.21
C HIS B 440 8.43 -0.81 -10.91
N PRO B 441 9.26 -1.04 -9.88
CA PRO B 441 9.20 -2.18 -8.97
C PRO B 441 8.47 -1.76 -7.71
N THR B 442 7.38 -2.46 -7.41
CA THR B 442 6.60 -2.15 -6.22
C THR B 442 6.21 -3.49 -5.59
N LEU B 443 5.59 -3.44 -4.42
CA LEU B 443 5.15 -4.66 -3.76
C LEU B 443 3.72 -5.00 -4.24
N GLY B 444 2.91 -3.96 -4.46
CA GLY B 444 1.56 -4.14 -4.92
C GLY B 444 1.45 -5.03 -6.15
N GLU B 445 2.49 -5.03 -6.97
CA GLU B 445 2.50 -5.82 -8.18
C GLU B 445 2.59 -7.35 -7.97
N ILE B 446 2.92 -7.77 -6.75
CA ILE B 446 3.01 -9.20 -6.45
C ILE B 446 1.64 -9.81 -6.74
N ALA B 447 0.61 -9.03 -6.48
CA ALA B 447 -0.77 -9.45 -6.73
C ALA B 447 -0.89 -9.82 -8.20
N MET B 448 -0.25 -9.03 -9.06
CA MET B 448 -0.28 -9.29 -10.49
C MET B 448 0.40 -10.60 -10.79
N GLU B 449 1.57 -10.83 -10.19
CA GLU B 449 2.27 -12.07 -10.44
C GLU B 449 1.61 -13.31 -9.82
N ALA B 450 0.86 -13.12 -8.75
CA ALA B 450 0.16 -14.22 -8.08
C ALA B 450 -1.04 -14.65 -8.93
N ALA B 451 -1.78 -13.67 -9.46
CA ALA B 451 -2.93 -13.96 -10.31
C ALA B 451 -2.41 -14.65 -11.58
N GLU B 452 -1.23 -14.24 -12.04
CA GLU B 452 -0.62 -14.84 -13.22
C GLU B 452 -0.41 -16.32 -12.90
N VAL B 453 0.05 -16.58 -11.68
CA VAL B 453 0.29 -17.94 -11.19
C VAL B 453 -1.03 -18.69 -11.12
N ALA B 454 -2.08 -18.00 -10.72
CA ALA B 454 -3.41 -18.60 -10.59
C ALA B 454 -3.95 -19.03 -11.93
N LEU B 455 -3.64 -18.25 -12.96
CA LEU B 455 -4.10 -18.55 -14.31
C LEU B 455 -3.25 -19.65 -14.95
N ILE C 1 -22.53 -12.12 -8.22
CA ILE C 1 -21.38 -11.35 -8.79
C ILE C 1 -21.90 -10.01 -9.24
N ALA C 2 -21.46 -8.95 -8.57
CA ALA C 2 -21.88 -7.59 -8.90
C ALA C 2 -21.11 -6.57 -8.09
N MET C 3 -20.90 -5.40 -8.69
CA MET C 3 -20.20 -4.31 -8.03
C MET C 3 -21.12 -3.70 -6.96
N PRO C 4 -20.56 -3.34 -5.80
CA PRO C 4 -21.31 -2.75 -4.70
C PRO C 4 -22.32 -1.71 -5.14
N SER C 5 -21.93 -0.91 -6.12
CA SER C 5 -22.78 0.16 -6.65
C SER C 5 -24.04 -0.41 -7.29
N VAL C 6 -23.87 -1.45 -8.10
CA VAL C 6 -24.98 -2.08 -8.78
C VAL C 6 -25.93 -2.64 -7.72
N ARG C 7 -25.36 -3.27 -6.70
CA ARG C 7 -26.15 -3.84 -5.60
C ARG C 7 -26.95 -2.75 -4.90
N LYS C 8 -26.35 -1.57 -4.76
CA LYS C 8 -27.00 -0.43 -4.13
C LYS C 8 -28.19 -0.01 -4.99
N TYR C 9 -27.98 -0.02 -6.31
CA TYR C 9 -29.01 0.36 -7.26
C TYR C 9 -30.27 -0.47 -7.07
N ALA C 10 -30.12 -1.79 -7.11
CA ALA C 10 -31.26 -2.68 -6.92
C ALA C 10 -31.94 -2.36 -5.60
N ARG C 11 -31.13 -2.19 -4.56
CA ARG C 11 -31.61 -1.89 -3.23
C ARG C 11 -32.56 -0.71 -3.23
N GLU C 12 -32.07 0.46 -3.61
CA GLU C 12 -32.89 1.66 -3.64
C GLU C 12 -34.07 1.50 -4.61
N LYS C 13 -33.92 0.63 -5.60
CA LYS C 13 -34.97 0.41 -6.60
C LYS C 13 -35.90 -0.74 -6.20
N GLY C 14 -35.72 -1.25 -4.99
CA GLY C 14 -36.54 -2.34 -4.48
C GLY C 14 -36.58 -3.60 -5.32
N VAL C 15 -35.46 -3.94 -5.94
CA VAL C 15 -35.40 -5.14 -6.76
C VAL C 15 -34.66 -6.27 -6.05
N ASP C 16 -34.97 -7.51 -6.40
CA ASP C 16 -34.35 -8.70 -5.81
C ASP C 16 -33.16 -9.15 -6.67
N ILE C 17 -32.00 -8.54 -6.43
CA ILE C 17 -30.78 -8.89 -7.18
C ILE C 17 -30.58 -10.40 -7.28
N ARG C 18 -30.98 -11.12 -6.23
CA ARG C 18 -30.86 -12.57 -6.16
C ARG C 18 -31.44 -13.24 -7.41
N LEU C 19 -32.43 -12.57 -8.01
CA LEU C 19 -33.08 -13.04 -9.21
C LEU C 19 -33.19 -11.86 -10.17
N VAL C 20 -32.07 -11.45 -10.74
CA VAL C 20 -32.04 -10.34 -11.68
C VAL C 20 -31.21 -10.72 -12.90
N GLN C 21 -31.51 -10.10 -14.04
CA GLN C 21 -30.83 -10.36 -15.30
C GLN C 21 -29.30 -10.46 -15.24
N GLY C 22 -28.78 -11.68 -15.28
CA GLY C 22 -27.33 -11.86 -15.28
C GLY C 22 -26.92 -11.55 -16.71
N THR C 23 -26.87 -10.26 -17.05
CA THR C 23 -26.54 -9.79 -18.40
C THR C 23 -25.34 -10.45 -19.08
N GLY C 24 -24.54 -11.17 -18.32
CA GLY C 24 -23.39 -11.84 -18.92
C GLY C 24 -22.13 -11.01 -18.91
N LYS C 25 -21.38 -11.06 -20.01
CA LYS C 25 -20.11 -10.35 -20.16
C LYS C 25 -19.09 -11.04 -19.26
N ASN C 26 -19.33 -10.93 -17.96
CA ASN C 26 -18.49 -11.55 -16.96
C ASN C 26 -19.36 -12.59 -16.24
N GLY C 27 -20.67 -12.46 -16.44
CA GLY C 27 -21.62 -13.36 -15.81
C GLY C 27 -22.22 -12.63 -14.62
N ARG C 28 -22.05 -11.31 -14.62
CA ARG C 28 -22.54 -10.45 -13.55
C ARG C 28 -23.75 -9.61 -13.93
N VAL C 29 -24.49 -9.19 -12.92
CA VAL C 29 -25.68 -8.36 -13.08
C VAL C 29 -25.24 -6.89 -13.15
N LEU C 30 -25.63 -6.20 -14.22
CA LEU C 30 -25.28 -4.79 -14.38
C LEU C 30 -26.44 -3.88 -13.99
N LYS C 31 -26.17 -2.59 -13.86
CA LYS C 31 -27.21 -1.62 -13.50
C LYS C 31 -28.42 -1.78 -14.41
N GLU C 32 -28.14 -1.89 -15.71
CA GLU C 32 -29.19 -2.05 -16.72
C GLU C 32 -29.89 -3.40 -16.59
N ASP C 33 -29.16 -4.41 -16.11
CA ASP C 33 -29.72 -5.74 -15.92
C ASP C 33 -30.84 -5.57 -14.91
N ILE C 34 -30.62 -4.64 -13.99
CA ILE C 34 -31.60 -4.31 -12.96
C ILE C 34 -32.73 -3.59 -13.69
N ASP C 35 -32.36 -2.59 -14.49
CA ASP C 35 -33.34 -1.83 -15.26
C ASP C 35 -34.24 -2.74 -16.10
N ALA C 36 -33.66 -3.80 -16.65
CA ALA C 36 -34.40 -4.75 -17.48
C ALA C 36 -35.48 -5.45 -16.64
N PHE C 37 -35.07 -6.00 -15.50
CA PHE C 37 -35.98 -6.70 -14.60
C PHE C 37 -37.05 -5.76 -14.05
N LEU C 38 -36.70 -4.47 -13.96
CA LEU C 38 -37.60 -3.44 -13.44
C LEU C 38 -38.46 -2.78 -14.52
N ALA C 39 -37.85 -1.89 -15.31
CA ALA C 39 -38.55 -1.16 -16.37
C ALA C 39 -39.09 -2.10 -17.43
N GLY C 40 -38.42 -3.24 -17.60
CA GLY C 40 -38.86 -4.21 -18.57
C GLY C 40 -40.20 -4.76 -18.13
N GLY C 41 -40.17 -5.55 -17.06
CA GLY C 41 -41.38 -6.15 -16.53
C GLY C 41 -41.42 -7.65 -16.73
PA FAD D . 16.58 -2.22 -21.90
O1A FAD D . 16.43 -2.67 -20.50
O2A FAD D . 17.44 -1.04 -22.19
O5B FAD D . 17.21 -3.48 -22.64
C5B FAD D . 17.95 -3.21 -23.83
C4B FAD D . 18.98 -4.28 -24.09
O4B FAD D . 19.28 -4.17 -25.49
C3B FAD D . 20.25 -3.97 -23.30
O3B FAD D . 20.74 -5.03 -22.46
C2B FAD D . 21.24 -3.72 -24.42
O2B FAD D . 22.56 -4.12 -24.01
C1B FAD D . 20.63 -4.55 -25.52
N9A FAD D . 21.11 -4.15 -26.83
C8A FAD D . 21.07 -2.92 -27.35
N7A FAD D . 21.55 -2.93 -28.60
C5A FAD D . 21.86 -4.19 -28.82
C6A FAD D . 22.42 -4.81 -29.87
N6A FAD D . 22.72 -4.10 -30.96
N1A FAD D . 22.70 -6.12 -29.82
C2A FAD D . 22.44 -6.86 -28.74
N3A FAD D . 21.90 -6.30 -27.67
C4A FAD D . 21.61 -4.99 -27.72
N1 FAD D . 11.50 2.18 -15.52
C2 FAD D . 10.49 1.83 -14.73
O2 FAD D . 9.51 1.29 -15.21
N3 FAD D . 10.61 1.99 -13.34
C4 FAD D . 11.79 2.53 -12.80
O4 FAD D . 12.02 2.39 -11.60
C4X FAD D . 12.80 2.93 -13.67
N5 FAD D . 13.91 3.55 -13.21
C5X FAD D . 14.96 3.86 -14.00
C6 FAD D . 16.12 4.39 -13.42
C7 FAD D . 17.26 4.60 -14.22
C7M FAD D . 18.62 4.74 -13.52
C8 FAD D . 17.18 4.37 -15.59
C8M FAD D . 18.47 4.40 -16.41
C9 FAD D . 16.01 3.88 -16.18
C9A FAD D . 14.90 3.60 -15.37
N10 FAD D . 13.71 3.04 -15.89
C10 FAD D . 12.65 2.69 -15.04
C1' FAD D . 13.52 2.82 -17.32
C2' FAD D . 13.45 1.32 -17.56
O2' FAD D . 14.63 0.70 -17.07
C3' FAD D . 13.27 1.03 -19.03
O3' FAD D . 11.98 1.54 -19.34
C4' FAD D . 13.26 -0.46 -19.33
O4' FAD D . 14.52 -1.02 -18.95
C5' FAD D . 13.16 -0.66 -20.83
O5' FAD D . 13.22 -2.04 -21.16
P FAD D . 13.68 -2.40 -22.64
O1P FAD D . 13.70 -3.87 -22.75
O2P FAD D . 12.96 -1.60 -23.65
O3P FAD D . 15.19 -1.88 -22.61
PA FAD E . -16.27 2.00 21.04
O1A FAD E . -15.25 2.60 20.14
O2A FAD E . -15.80 1.05 22.06
O5B FAD E . -17.05 3.24 21.69
C5B FAD E . -18.25 3.03 22.45
C4B FAD E . -18.47 4.24 23.34
O4B FAD E . -19.62 4.08 24.16
C3B FAD E . -17.33 4.50 24.30
O3B FAD E . -16.76 5.79 24.08
C2B FAD E . -17.94 4.46 25.69
O2B FAD E . -17.29 5.47 26.47
C1B FAD E . -19.38 4.79 25.36
N9A FAD E . -20.38 4.28 26.33
C8A FAD E . -20.55 2.99 26.62
N7A FAD E . -21.69 2.84 27.29
C5A FAD E . -22.21 4.05 27.42
C6A FAD E . -23.31 4.52 28.04
N6A FAD E . -24.20 3.68 28.56
N1A FAD E . -23.54 5.83 28.14
C2A FAD E . -22.69 6.72 27.63
N3A FAD E . -21.61 6.31 26.98
C4A FAD E . -21.37 4.99 26.86
N1 FAD E . -10.11 -1.98 15.30
C2 FAD E . -9.70 -1.78 14.04
O2 FAD E . -10.53 -1.55 13.16
N3 FAD E . -8.33 -1.73 13.74
C4 FAD E . -7.40 -1.90 14.76
O4 FAD E . -6.19 -1.87 14.52
C4X FAD E . -7.85 -2.12 16.05
N5 FAD E . -6.97 -2.21 17.06
C5X FAD E . -7.35 -2.25 18.34
C6 FAD E . -6.35 -2.24 19.31
C7 FAD E . -6.73 -2.22 20.64
C7M FAD E . -5.63 -2.15 21.69
C8 FAD E . -8.09 -2.23 20.98
C8M FAD E . -8.55 -2.27 22.44
C9 FAD E . -9.08 -2.23 20.01
C9A FAD E . -8.71 -2.24 18.66
N10 FAD E . -9.66 -2.21 17.62
C10 FAD E . -9.23 -2.15 16.29
C1' FAD E . -11.11 -2.33 17.86
C2' FAD E . -11.81 -0.98 17.86
O2' FAD E . -11.36 -0.18 18.97
C3' FAD E . -13.31 -1.22 17.97
O3' FAD E . -13.74 -2.22 17.03
C4' FAD E . -14.07 0.08 17.74
O4' FAD E . -13.62 1.10 18.63
C5' FAD E . -15.54 -0.14 18.04
O5' FAD E . -16.24 1.10 18.05
P FAD E . -17.73 1.20 18.65
O1P FAD E . -18.24 2.51 18.16
O2P FAD E . -18.50 -0.05 18.39
O3P FAD E . -17.39 1.30 20.19
#